data_7URA
#
_entry.id   7URA
#
_cell.length_a   1.00
_cell.length_b   1.00
_cell.length_c   1.00
_cell.angle_alpha   90.00
_cell.angle_beta   90.00
_cell.angle_gamma   90.00
#
_symmetry.space_group_name_H-M   'P 1'
#
loop_
_entity.id
_entity.type
_entity.pdbx_description
1 polymer 'Isoform 2 of Protein-serine O-palmitoleoyltransferase porcupine'
2 polymer '2C11 light chain'
3 polymer '2C11 heavy chain'
4 non-polymer '~{S}-[2-[3-[[(2~{R})-4-[[[(2~{R},3~{R},4~{R},5~{R})-5-(6-aminopurin-9-yl)-4-oxidanyl-3-phosphonooxy-oxolan-2-yl]methoxy-oxidanyl-phosphoryl]oxy-oxidanyl-phosphoryl]oxy-3,3-dimethyl-2-oxidanyl-butanoyl]amino]propanoylamino]ethyl] (~{Z})-hexadec-9-enethioate'
5 non-polymer 'ZINC ION'
6 non-polymer CHOLESTEROL
7 non-polymer Digitonin
8 non-polymer 'OLEIC ACID'
#
loop_
_entity_poly.entity_id
_entity_poly.type
_entity_poly.pdbx_seq_one_letter_code
_entity_poly.pdbx_strand_id
1 'polypeptide(L)'
;MDYKDDDDKATFSRQEFFQQLLQGCLLPTAQQGLDQIWLLLAICLACRLLWRLGLPSYLKHASTVAGGFFSLYHFFQLHM
VWVVLLSLLCYLVLFLCRHSSHRGVFLSVTILIYLLMGEMHMVDTVTWHKMRGAQMIVAMKAVSLGFDLDRGEVGTVPSP
VEFMGYLYFVGTIVFGPWISFHSYLQAVQGRPLSCRWLQKVARSLALALLCLVLSTCVGPYLFPYFIPLNGDRLLRNKKR
KARWLRAYESAVSFHFSNYFVGFLSEATATLAGAGFTEEKDHLEWDLTVSKPLNVELPRSMVEVVTSWNLPMSYWLNNYV
FKNALRLGTFSAVLVTYAASALLHGFSFHLAAVLLSLAFITYVEHVLRKRLARILSACVLSKRCPPDCSHQHRLGLGVRA
LNLLFGALAIFHLAYLGSLFDVDVDDTTEEQGYGMAYTVHKWSELSWASHWVTFGCWIFYRLIG
;
A
2 'polypeptide(L)'
;MGWSCIILFLVATARTGVHSDIHMTQSPASLSAFVGETVTITCRTSENIFSYLAWYQQKQGKSPQLLVYNAKTLTSGVPS
RFSGSGSGTQFSLKINSLQPEDFGSYYCQHHYGSPYTFGGGTKLEIKRTVAAPSVFIFPPSDEQLKSGTASVVCLLNNFY
PREAKVQWKVDNALQSGNSQESVTEQDSKDSTYSLSSTLTLSKADYEKHKVYACEVTHQGLSSPVTKSFNRGEC
;
L
3 'polypeptide(L)'
;MGWSCIILFLVATATGVHSEIQLQQSGAELVKPGASVKMSCKVSGYSFTGYNMNWVKQSHGKSLEWIGNINPYYVSTNYN
QKFTGKATFTVDRSSSTAYMQLDSLTSEDSAVYYCARSYGSSHTFAYWGQGTLVTVSSASTKGPSVFPLAPSSKSTSGGT
AALGCLVKDYFPEPVTVSWNSGALTSGVHTFPAVLQSSGLYSLSSVVTVPSSSLGTQTYICNVNHKPSNTKVDKRVEPKS
CDKTHHHHHH
;
H
#
# COMPACT_ATOMS: atom_id res chain seq x y z
N PHE A 12 26.00 40.07 -5.94
CA PHE A 12 27.16 40.81 -6.43
C PHE A 12 27.58 40.30 -7.81
N SER A 13 28.85 40.53 -8.16
CA SER A 13 29.33 40.16 -9.48
C SER A 13 29.22 38.66 -9.72
N ARG A 14 29.04 38.29 -10.99
CA ARG A 14 28.92 36.89 -11.34
C ARG A 14 30.25 36.16 -11.19
N GLN A 15 31.35 36.80 -11.60
CA GLN A 15 32.66 36.16 -11.46
C GLN A 15 33.01 35.95 -9.99
N GLU A 16 32.71 36.94 -9.14
CA GLU A 16 32.94 36.77 -7.71
C GLU A 16 32.09 35.63 -7.15
N PHE A 17 30.84 35.52 -7.59
CA PHE A 17 29.98 34.46 -7.10
C PHE A 17 30.47 33.09 -7.53
N PHE A 18 30.92 32.95 -8.77
CA PHE A 18 31.43 31.65 -9.22
C PHE A 18 32.81 31.35 -8.65
N GLN A 19 33.54 32.37 -8.21
CA GLN A 19 34.77 32.11 -7.45
C GLN A 19 34.43 31.58 -6.06
N GLN A 20 33.43 32.17 -5.41
CA GLN A 20 33.02 31.75 -4.08
C GLN A 20 32.23 30.44 -4.09
N LEU A 21 31.70 30.03 -5.24
CA LEU A 21 30.76 28.93 -5.31
C LEU A 21 31.35 27.63 -4.76
N LEU A 22 32.49 27.20 -5.31
CA LEU A 22 32.99 25.85 -5.03
C LEU A 22 33.28 25.64 -3.55
N GLN A 23 34.00 26.57 -2.93
CA GLN A 23 34.46 26.39 -1.56
C GLN A 23 33.53 26.99 -0.52
N GLY A 24 32.68 27.94 -0.91
CA GLY A 24 31.79 28.56 0.04
C GLY A 24 30.51 27.79 0.27
N CYS A 25 29.98 27.16 -0.77
CA CYS A 25 28.67 26.52 -0.61
C CYS A 25 28.64 25.05 -0.99
N LEU A 26 29.29 24.65 -2.09
CA LEU A 26 29.14 23.27 -2.56
C LEU A 26 29.83 22.26 -1.66
N LEU A 27 30.98 22.62 -1.09
CA LEU A 27 31.62 21.69 -0.16
C LEU A 27 30.94 21.69 1.20
N PRO A 28 30.62 22.84 1.80
CA PRO A 28 29.93 22.81 3.09
C PRO A 28 28.57 22.12 3.04
N THR A 29 27.82 22.29 1.95
CA THR A 29 26.50 21.67 1.88
C THR A 29 26.61 20.16 1.77
N ALA A 30 27.52 19.67 0.93
CA ALA A 30 27.73 18.23 0.82
C ALA A 30 28.25 17.65 2.13
N GLN A 31 29.12 18.39 2.82
CA GLN A 31 29.61 17.92 4.12
C GLN A 31 28.48 17.85 5.13
N GLN A 32 27.57 18.83 5.11
CA GLN A 32 26.43 18.80 6.02
C GLN A 32 25.53 17.60 5.75
N GLY A 33 25.19 17.38 4.47
CA GLY A 33 24.36 16.23 4.13
C GLY A 33 25.00 14.92 4.56
N LEU A 34 26.28 14.73 4.20
CA LEU A 34 26.95 13.49 4.55
C LEU A 34 27.03 13.32 6.06
N ASP A 35 27.28 14.41 6.79
CA ASP A 35 27.41 14.31 8.24
C ASP A 35 26.08 13.98 8.89
N GLN A 36 24.97 14.45 8.32
CA GLN A 36 23.67 14.15 8.91
C GLN A 36 23.12 12.80 8.49
N ILE A 37 23.65 12.17 7.43
CA ILE A 37 23.11 10.88 6.99
C ILE A 37 24.08 9.72 7.20
N TRP A 38 25.31 9.98 7.64
CA TRP A 38 26.31 8.90 7.68
C TRP A 38 25.95 7.83 8.69
N LEU A 39 25.47 8.21 9.88
CA LEU A 39 25.17 7.20 10.88
C LEU A 39 23.93 6.39 10.51
N LEU A 40 22.93 7.06 9.92
CA LEU A 40 21.77 6.34 9.44
C LEU A 40 22.15 5.33 8.36
N LEU A 41 23.02 5.72 7.43
CA LEU A 41 23.45 4.78 6.40
C LEU A 41 24.25 3.63 7.00
N ALA A 42 25.09 3.93 8.00
CA ALA A 42 25.86 2.87 8.64
C ALA A 42 24.94 1.87 9.33
N ILE A 43 23.90 2.34 10.01
CA ILE A 43 22.98 1.43 10.69
C ILE A 43 22.16 0.64 9.69
N CYS A 44 21.75 1.27 8.58
CA CYS A 44 21.03 0.54 7.54
C CYS A 44 21.89 -0.58 6.97
N LEU A 45 23.16 -0.29 6.66
CA LEU A 45 24.04 -1.34 6.15
C LEU A 45 24.30 -2.40 7.20
N ALA A 46 24.35 -2.02 8.49
CA ALA A 46 24.53 -3.00 9.55
C ALA A 46 23.37 -3.98 9.59
N CYS A 47 22.14 -3.47 9.55
CA CYS A 47 20.99 -4.37 9.58
C CYS A 47 20.93 -5.20 8.29
N ARG A 48 21.32 -4.62 7.17
CA ARG A 48 21.34 -5.36 5.92
C ARG A 48 22.29 -6.55 6.01
N LEU A 49 23.50 -6.33 6.53
CA LEU A 49 24.44 -7.44 6.67
C LEU A 49 23.97 -8.43 7.74
N LEU A 50 23.29 -7.96 8.78
CA LEU A 50 22.85 -8.87 9.84
C LEU A 50 21.74 -9.79 9.35
N TRP A 51 20.72 -9.23 8.68
CA TRP A 51 19.59 -9.99 8.19
C TRP A 51 19.95 -11.00 7.13
N ARG A 52 21.20 -11.01 6.66
CA ARG A 52 21.65 -11.95 5.64
C ARG A 52 22.29 -13.20 6.23
N LEU A 53 22.54 -13.21 7.56
CA LEU A 53 23.21 -14.35 8.18
C LEU A 53 22.27 -15.52 8.41
N GLY A 54 20.97 -15.25 8.56
CA GLY A 54 20.01 -16.32 8.78
C GLY A 54 19.61 -16.49 10.23
N LEU A 55 19.32 -15.38 10.91
CA LEU A 55 18.80 -15.42 12.26
C LEU A 55 17.31 -15.78 12.23
N PRO A 56 16.76 -16.21 13.37
CA PRO A 56 15.30 -16.37 13.44
C PRO A 56 14.61 -15.03 13.25
N SER A 57 13.41 -15.08 12.66
CA SER A 57 12.74 -13.86 12.24
C SER A 57 12.52 -12.90 13.41
N TYR A 58 12.20 -13.44 14.59
CA TYR A 58 11.95 -12.56 15.72
C TYR A 58 13.21 -11.82 16.13
N LEU A 59 14.38 -12.43 15.96
CA LEU A 59 15.62 -11.71 16.24
C LEU A 59 15.85 -10.60 15.23
N LYS A 60 15.48 -10.81 13.97
CA LYS A 60 15.59 -9.75 12.97
C LYS A 60 14.68 -8.58 13.32
N HIS A 61 13.43 -8.87 13.69
CA HIS A 61 12.51 -7.81 14.06
C HIS A 61 12.98 -7.07 15.31
N ALA A 62 13.51 -7.79 16.29
CA ALA A 62 14.02 -7.13 17.49
C ALA A 62 15.25 -6.27 17.16
N SER A 63 16.11 -6.75 16.27
CA SER A 63 17.29 -5.98 15.90
C SER A 63 16.90 -4.70 15.17
N THR A 64 15.88 -4.76 14.32
CA THR A 64 15.48 -3.51 13.66
C THR A 64 14.71 -2.59 14.59
N VAL A 65 14.02 -3.14 15.60
CA VAL A 65 13.44 -2.29 16.64
C VAL A 65 14.54 -1.53 17.36
N ALA A 66 15.63 -2.22 17.72
CA ALA A 66 16.75 -1.57 18.39
C ALA A 66 17.41 -0.53 17.49
N GLY A 67 17.61 -0.87 16.21
CA GLY A 67 18.19 0.08 15.28
C GLY A 67 17.33 1.31 15.08
N GLY A 68 16.01 1.12 15.02
CA GLY A 68 15.12 2.26 14.89
C GLY A 68 15.11 3.13 16.13
N PHE A 69 15.17 2.50 17.31
CA PHE A 69 15.30 3.27 18.54
C PHE A 69 16.56 4.11 18.53
N PHE A 70 17.69 3.52 18.10
CA PHE A 70 18.93 4.27 18.10
C PHE A 70 18.91 5.39 17.05
N SER A 71 18.30 5.14 15.89
CA SER A 71 18.23 6.18 14.86
C SER A 71 17.34 7.33 15.33
N LEU A 72 16.19 7.02 15.94
CA LEU A 72 15.33 8.08 16.46
C LEU A 72 16.04 8.85 17.56
N TYR A 73 16.82 8.18 18.40
CA TYR A 73 17.58 8.89 19.42
C TYR A 73 18.61 9.81 18.79
N HIS A 74 19.39 9.29 17.84
CA HIS A 74 20.44 10.08 17.21
C HIS A 74 19.87 11.33 16.54
N PHE A 75 18.77 11.18 15.82
CA PHE A 75 18.19 12.33 15.15
C PHE A 75 17.41 13.21 16.12
N PHE A 76 16.57 12.60 16.95
CA PHE A 76 15.75 13.32 17.92
C PHE A 76 16.24 12.91 19.30
N GLN A 77 16.87 13.83 20.02
CA GLN A 77 17.68 13.45 21.18
C GLN A 77 16.87 12.65 22.19
N LEU A 78 15.86 13.27 22.79
CA LEU A 78 15.03 12.58 23.76
C LEU A 78 13.54 12.78 23.52
N HIS A 79 13.14 13.68 22.64
CA HIS A 79 11.74 13.86 22.32
C HIS A 79 11.20 12.71 21.48
N MET A 80 12.06 11.82 20.99
CA MET A 80 11.63 10.66 20.23
C MET A 80 10.56 9.86 20.97
N VAL A 81 10.44 10.04 22.28
CA VAL A 81 9.41 9.36 23.06
C VAL A 81 8.05 9.54 22.42
N TRP A 82 7.78 10.71 21.84
CA TRP A 82 6.51 10.92 21.17
C TRP A 82 6.26 9.85 20.11
N VAL A 83 7.21 9.70 19.18
CA VAL A 83 7.09 8.64 18.18
C VAL A 83 6.88 7.30 18.85
N VAL A 84 7.63 7.04 19.93
CA VAL A 84 7.49 5.76 20.63
C VAL A 84 6.04 5.56 21.07
N LEU A 85 5.45 6.59 21.69
CA LEU A 85 4.04 6.49 22.05
C LEU A 85 3.20 6.12 20.85
N LEU A 86 3.41 6.83 19.73
CA LEU A 86 2.62 6.58 18.54
C LEU A 86 2.70 5.13 18.11
N SER A 87 3.83 4.47 18.37
CA SER A 87 3.90 3.04 18.06
C SER A 87 3.06 2.24 19.05
N LEU A 88 3.36 2.39 20.35
CA LEU A 88 2.69 1.58 21.36
C LEU A 88 1.18 1.74 21.26
N LEU A 89 0.69 2.98 21.32
CA LEU A 89 -0.72 3.25 21.13
C LEU A 89 -1.28 2.50 19.93
N CYS A 90 -0.62 2.60 18.78
CA CYS A 90 -1.11 1.92 17.58
C CYS A 90 -1.26 0.44 17.83
N TYR A 91 -0.24 -0.20 18.39
CA TYR A 91 -0.37 -1.63 18.64
C TYR A 91 -1.53 -1.93 19.57
N LEU A 92 -1.71 -1.09 20.60
CA LEU A 92 -2.87 -1.26 21.47
C LEU A 92 -4.15 -1.25 20.65
N VAL A 93 -4.30 -0.27 19.76
CA VAL A 93 -5.50 -0.19 18.95
C VAL A 93 -5.57 -1.34 17.96
N LEU A 94 -4.43 -1.93 17.60
CA LEU A 94 -4.44 -3.10 16.73
C LEU A 94 -4.57 -4.40 17.51
N PHE A 95 -4.54 -4.34 18.84
CA PHE A 95 -4.77 -5.54 19.63
C PHE A 95 -6.18 -5.60 20.20
N LEU A 96 -6.81 -4.46 20.45
CA LEU A 96 -8.17 -4.47 20.95
C LEU A 96 -9.20 -4.72 19.85
N CYS A 97 -8.84 -4.50 18.58
CA CYS A 97 -9.73 -4.75 17.47
C CYS A 97 -9.12 -5.69 16.44
N ARG A 98 -8.30 -6.64 16.90
CA ARG A 98 -7.68 -7.60 16.01
C ARG A 98 -8.69 -8.47 15.28
N HIS A 99 -9.89 -8.63 15.83
CA HIS A 99 -10.89 -9.53 15.29
C HIS A 99 -11.94 -8.84 14.43
N SER A 100 -11.91 -7.51 14.35
CA SER A 100 -12.95 -6.78 13.65
C SER A 100 -12.57 -6.55 12.20
N SER A 101 -13.55 -6.13 11.41
CA SER A 101 -13.32 -5.62 10.06
C SER A 101 -13.18 -4.12 10.03
N HIS A 102 -13.02 -3.48 11.20
CA HIS A 102 -12.90 -2.04 11.32
C HIS A 102 -11.48 -1.60 11.59
N ARG A 103 -10.51 -2.50 11.49
CA ARG A 103 -9.14 -2.20 11.93
C ARG A 103 -8.65 -0.89 11.32
N GLY A 104 -8.95 -0.67 10.05
CA GLY A 104 -8.58 0.59 9.43
C GLY A 104 -9.28 1.78 10.05
N VAL A 105 -10.58 1.62 10.36
CA VAL A 105 -11.34 2.73 10.92
C VAL A 105 -10.81 3.10 12.29
N PHE A 106 -10.62 2.10 13.15
CA PHE A 106 -10.14 2.38 14.50
C PHE A 106 -8.72 2.94 14.49
N LEU A 107 -7.83 2.35 13.69
CA LEU A 107 -6.47 2.85 13.64
C LEU A 107 -6.42 4.26 13.07
N SER A 108 -7.25 4.56 12.07
CA SER A 108 -7.24 5.89 11.47
C SER A 108 -7.83 6.92 12.41
N VAL A 109 -8.87 6.56 13.16
CA VAL A 109 -9.44 7.49 14.12
C VAL A 109 -8.47 7.76 15.26
N THR A 110 -7.77 6.72 15.71
CA THR A 110 -6.72 6.92 16.72
C THR A 110 -5.63 7.84 16.20
N ILE A 111 -5.17 7.62 14.97
CA ILE A 111 -4.15 8.48 14.38
C ILE A 111 -4.64 9.91 14.28
N LEU A 112 -5.90 10.09 13.87
CA LEU A 112 -6.45 11.44 13.72
C LEU A 112 -6.52 12.15 15.06
N ILE A 113 -7.00 11.45 16.10
CA ILE A 113 -7.07 12.06 17.42
C ILE A 113 -5.68 12.41 17.93
N TYR A 114 -4.71 11.52 17.70
CA TYR A 114 -3.35 11.79 18.14
C TYR A 114 -2.78 13.03 17.46
N LEU A 115 -2.89 13.10 16.12
CA LEU A 115 -2.33 14.23 15.40
C LEU A 115 -3.06 15.53 15.73
N LEU A 116 -4.36 15.47 15.99
CA LEU A 116 -5.08 16.68 16.39
C LEU A 116 -4.64 17.15 17.77
N MET A 117 -4.64 16.26 18.76
CA MET A 117 -4.16 16.64 20.08
C MET A 117 -2.67 16.98 20.08
N GLY A 118 -1.97 16.70 18.99
CA GLY A 118 -0.63 17.23 18.81
C GLY A 118 -0.65 18.63 18.25
N GLU A 119 -1.61 18.91 17.36
CA GLU A 119 -1.75 20.25 16.80
C GLU A 119 -2.21 21.29 17.81
N MET A 120 -2.63 20.87 19.00
CA MET A 120 -3.05 21.83 20.02
C MET A 120 -1.88 22.59 20.63
N HIS A 121 -0.65 22.26 20.26
CA HIS A 121 0.56 23.00 20.67
C HIS A 121 0.72 23.08 22.18
N MET A 122 0.04 22.22 22.94
CA MET A 122 0.29 22.13 24.37
C MET A 122 1.52 21.31 24.67
N VAL A 123 1.82 20.32 23.82
CA VAL A 123 3.05 19.54 23.90
C VAL A 123 4.21 20.44 23.49
N ASP A 124 5.43 19.97 23.67
CA ASP A 124 6.58 20.77 23.26
C ASP A 124 6.51 21.04 21.76
N THR A 125 6.23 22.29 21.40
CA THR A 125 5.95 22.64 20.01
C THR A 125 7.20 22.69 19.15
N VAL A 126 8.35 22.99 19.75
CA VAL A 126 9.56 23.23 18.95
C VAL A 126 10.04 21.94 18.29
N THR A 127 9.88 20.80 18.96
CA THR A 127 10.39 19.54 18.43
C THR A 127 9.32 18.68 17.79
N TRP A 128 8.05 18.85 18.16
CA TRP A 128 6.98 18.12 17.47
C TRP A 128 6.97 18.42 15.98
N HIS A 129 7.19 19.69 15.62
CA HIS A 129 7.29 20.06 14.22
C HIS A 129 8.51 19.45 13.56
N LYS A 130 9.51 19.04 14.35
CA LYS A 130 10.67 18.35 13.80
C LYS A 130 10.40 16.87 13.59
N MET A 131 9.62 16.26 14.48
CA MET A 131 9.31 14.84 14.42
C MET A 131 8.13 14.51 13.53
N ARG A 132 7.38 15.52 13.08
CA ARG A 132 6.19 15.27 12.28
C ARG A 132 6.46 14.34 11.08
N GLY A 133 7.67 14.33 10.55
CA GLY A 133 7.96 13.44 9.44
C GLY A 133 7.95 11.98 9.83
N ALA A 134 8.70 11.62 10.88
CA ALA A 134 8.71 10.24 11.35
C ALA A 134 7.33 9.83 11.88
N GLN A 135 6.63 10.77 12.52
CA GLN A 135 5.29 10.44 13.01
C GLN A 135 4.34 10.19 11.86
N MET A 136 4.44 10.96 10.78
CA MET A 136 3.64 10.72 9.60
C MET A 136 3.93 9.35 9.01
N ILE A 137 5.20 8.98 8.94
CA ILE A 137 5.55 7.66 8.39
C ILE A 137 4.96 6.55 9.24
N VAL A 138 5.09 6.66 10.57
CA VAL A 138 4.58 5.61 11.46
C VAL A 138 3.06 5.53 11.37
N ALA A 139 2.38 6.67 11.32
CA ALA A 139 0.93 6.67 11.23
C ALA A 139 0.46 6.08 9.90
N MET A 140 1.12 6.43 8.80
CA MET A 140 0.79 5.84 7.51
C MET A 140 0.98 4.34 7.54
N LYS A 141 2.05 3.86 8.17
CA LYS A 141 2.30 2.43 8.25
C LYS A 141 1.20 1.73 9.03
N ALA A 142 0.82 2.28 10.19
CA ALA A 142 -0.20 1.64 11.00
C ALA A 142 -1.55 1.61 10.31
N VAL A 143 -1.94 2.72 9.69
CA VAL A 143 -3.22 2.76 8.98
C VAL A 143 -3.23 1.80 7.80
N SER A 144 -2.10 1.72 7.07
CA SER A 144 -2.04 0.83 5.92
C SER A 144 -2.12 -0.62 6.36
N LEU A 145 -1.46 -0.98 7.46
CA LEU A 145 -1.57 -2.35 7.94
C LEU A 145 -2.99 -2.66 8.39
N GLY A 146 -3.64 -1.72 9.08
CA GLY A 146 -5.03 -1.94 9.48
C GLY A 146 -5.93 -2.19 8.28
N PHE A 147 -5.83 -1.34 7.26
CA PHE A 147 -6.71 -1.50 6.11
C PHE A 147 -6.35 -2.73 5.28
N ASP A 148 -5.07 -3.11 5.24
CA ASP A 148 -4.69 -4.32 4.53
C ASP A 148 -5.23 -5.56 5.23
N LEU A 149 -5.26 -5.55 6.56
CA LEU A 149 -5.90 -6.65 7.28
C LEU A 149 -7.41 -6.65 7.05
N ASP A 150 -8.01 -5.46 6.99
CA ASP A 150 -9.44 -5.36 6.71
C ASP A 150 -9.79 -5.99 5.36
N ARG A 151 -9.10 -5.55 4.31
CA ARG A 151 -9.45 -6.01 2.96
C ARG A 151 -9.05 -7.45 2.71
N GLY A 152 -8.16 -8.00 3.52
CA GLY A 152 -7.72 -9.36 3.33
C GLY A 152 -6.46 -9.54 2.52
N GLU A 153 -5.63 -8.50 2.43
CA GLU A 153 -4.37 -8.60 1.72
C GLU A 153 -3.22 -9.01 2.61
N VAL A 154 -3.34 -8.81 3.93
CA VAL A 154 -2.47 -9.41 4.92
C VAL A 154 -3.28 -10.45 5.66
N GLY A 155 -2.75 -11.67 5.74
CA GLY A 155 -3.55 -12.77 6.23
C GLY A 155 -3.77 -12.74 7.73
N THR A 156 -2.70 -12.53 8.49
CA THR A 156 -2.74 -12.62 9.94
C THR A 156 -2.40 -11.27 10.56
N VAL A 157 -3.07 -10.93 11.66
CA VAL A 157 -2.66 -9.77 12.45
C VAL A 157 -1.28 -10.02 13.00
N PRO A 158 -0.31 -9.12 12.81
CA PRO A 158 1.07 -9.43 13.19
C PRO A 158 1.25 -9.50 14.69
N SER A 159 2.26 -10.27 15.10
CA SER A 159 2.64 -10.39 16.49
C SER A 159 3.19 -9.05 16.99
N PRO A 160 3.45 -8.91 18.29
CA PRO A 160 4.01 -7.64 18.77
C PRO A 160 5.35 -7.29 18.14
N VAL A 161 6.26 -8.27 18.05
CA VAL A 161 7.60 -7.95 17.55
C VAL A 161 7.59 -7.72 16.05
N GLU A 162 6.70 -8.39 15.30
CA GLU A 162 6.61 -8.14 13.87
C GLU A 162 6.06 -6.74 13.60
N PHE A 163 4.98 -6.38 14.30
CA PHE A 163 4.43 -5.04 14.15
C PHE A 163 5.46 -3.97 14.52
N MET A 164 6.18 -4.16 15.62
CA MET A 164 7.14 -3.15 16.05
C MET A 164 8.32 -3.07 15.10
N GLY A 165 8.87 -4.21 14.67
CA GLY A 165 9.90 -4.19 13.67
C GLY A 165 9.44 -3.62 12.35
N TYR A 166 8.13 -3.63 12.10
CA TYR A 166 7.62 -2.97 10.90
C TYR A 166 7.61 -1.46 11.09
N LEU A 167 7.13 -0.98 12.24
CA LEU A 167 7.09 0.45 12.47
C LEU A 167 8.49 1.04 12.63
N TYR A 168 9.39 0.31 13.29
CA TYR A 168 10.74 0.76 13.54
C TYR A 168 11.74 0.23 12.52
N PHE A 169 11.29 -0.07 11.30
CA PHE A 169 12.20 -0.49 10.26
C PHE A 169 13.24 0.60 10.03
N VAL A 170 14.51 0.25 10.22
CA VAL A 170 15.56 1.26 10.25
C VAL A 170 15.78 1.89 8.88
N GLY A 171 15.33 1.25 7.81
CA GLY A 171 15.47 1.86 6.50
C GLY A 171 14.47 2.95 6.24
N THR A 172 13.27 2.85 6.80
CA THR A 172 12.20 3.81 6.57
C THR A 172 11.72 4.46 7.86
N ILE A 173 12.60 4.64 8.83
CA ILE A 173 12.20 5.17 10.12
C ILE A 173 12.23 6.69 10.15
N VAL A 174 13.29 7.31 9.64
CA VAL A 174 13.46 8.75 9.78
C VAL A 174 12.99 9.46 8.53
N PHE A 175 13.64 9.19 7.40
CA PHE A 175 13.26 9.79 6.12
C PHE A 175 12.44 8.85 5.24
N GLY A 176 12.72 7.55 5.31
CA GLY A 176 12.25 6.59 4.34
C GLY A 176 10.76 6.64 4.07
N PRO A 177 10.37 6.18 2.90
CA PRO A 177 8.97 6.25 2.50
C PRO A 177 8.15 5.17 3.20
N TRP A 178 6.85 5.25 3.01
CA TRP A 178 5.98 4.18 3.48
C TRP A 178 6.17 2.95 2.61
N ILE A 179 6.27 1.79 3.25
CA ILE A 179 6.27 0.51 2.56
C ILE A 179 5.25 -0.39 3.24
N SER A 180 4.46 -1.09 2.43
CA SER A 180 3.43 -1.97 2.96
C SER A 180 4.04 -3.05 3.84
N PHE A 181 3.22 -3.61 4.73
CA PHE A 181 3.70 -4.61 5.68
C PHE A 181 4.37 -5.77 4.96
N HIS A 182 3.86 -6.16 3.80
CA HIS A 182 4.45 -7.29 3.09
C HIS A 182 5.78 -6.92 2.46
N SER A 183 5.96 -5.66 2.04
CA SER A 183 7.26 -5.22 1.58
C SER A 183 8.30 -5.32 2.69
N TYR A 184 7.92 -4.92 3.91
CA TYR A 184 8.84 -5.05 5.04
C TYR A 184 9.10 -6.52 5.37
N LEU A 185 8.08 -7.37 5.26
CA LEU A 185 8.27 -8.80 5.52
C LEU A 185 9.27 -9.39 4.55
N GLN A 186 9.13 -9.09 3.25
CA GLN A 186 10.07 -9.60 2.27
C GLN A 186 11.45 -8.99 2.45
N ALA A 187 11.53 -7.74 2.94
CA ALA A 187 12.82 -7.18 3.30
C ALA A 187 13.47 -7.95 4.42
N VAL A 188 12.68 -8.36 5.42
CA VAL A 188 13.19 -9.18 6.52
C VAL A 188 13.69 -10.51 5.99
N GLN A 189 12.96 -11.11 5.06
CA GLN A 189 13.37 -12.38 4.50
C GLN A 189 14.76 -12.30 3.88
N GLY A 190 15.14 -11.14 3.35
CA GLY A 190 16.48 -10.94 2.83
C GLY A 190 16.63 -11.37 1.39
N ARG A 191 17.57 -10.74 0.68
CA ARG A 191 17.89 -11.07 -0.69
C ARG A 191 19.41 -11.05 -0.84
N PRO A 192 19.94 -11.70 -1.87
CA PRO A 192 21.39 -11.68 -2.07
C PRO A 192 21.89 -10.28 -2.41
N LEU A 193 23.18 -10.06 -2.14
CA LEU A 193 23.79 -8.74 -2.31
C LEU A 193 24.40 -8.63 -3.70
N SER A 194 23.53 -8.64 -4.71
CA SER A 194 24.00 -8.53 -6.07
C SER A 194 24.50 -7.12 -6.36
N CYS A 195 25.19 -6.97 -7.50
CA CYS A 195 25.73 -5.67 -7.86
C CYS A 195 24.63 -4.67 -8.24
N ARG A 196 23.44 -5.16 -8.60
CA ARG A 196 22.34 -4.24 -8.88
C ARG A 196 21.90 -3.50 -7.63
N TRP A 197 21.92 -4.18 -6.47
CA TRP A 197 21.58 -3.51 -5.22
C TRP A 197 22.55 -2.38 -4.93
N LEU A 198 23.85 -2.64 -5.05
CA LEU A 198 24.85 -1.60 -4.82
C LEU A 198 24.73 -0.49 -5.84
N GLN A 199 24.41 -0.82 -7.10
CA GLN A 199 24.20 0.21 -8.10
C GLN A 199 23.04 1.12 -7.72
N LYS A 200 21.93 0.53 -7.28
CA LYS A 200 20.77 1.33 -6.88
C LYS A 200 21.10 2.22 -5.69
N VAL A 201 21.78 1.66 -4.68
CA VAL A 201 22.11 2.44 -3.49
C VAL A 201 23.04 3.61 -3.86
N ALA A 202 24.06 3.33 -4.66
CA ALA A 202 25.02 4.37 -5.00
C ALA A 202 24.40 5.44 -5.89
N ARG A 203 23.58 5.03 -6.87
CA ARG A 203 22.92 6.00 -7.72
C ARG A 203 21.98 6.88 -6.93
N SER A 204 21.23 6.30 -5.99
CA SER A 204 20.29 7.11 -5.22
C SER A 204 21.02 8.04 -4.26
N LEU A 205 22.14 7.59 -3.68
CA LEU A 205 22.90 8.47 -2.81
C LEU A 205 23.53 9.62 -3.59
N ALA A 206 24.09 9.32 -4.76
CA ALA A 206 24.68 10.38 -5.58
C ALA A 206 23.63 11.38 -6.02
N LEU A 207 22.45 10.91 -6.43
CA LEU A 207 21.38 11.82 -6.81
C LEU A 207 20.87 12.61 -5.61
N ALA A 208 20.87 12.02 -4.42
CA ALA A 208 20.48 12.77 -3.22
C ALA A 208 21.45 13.92 -2.97
N LEU A 209 22.75 13.66 -3.01
CA LEU A 209 23.73 14.73 -2.80
C LEU A 209 23.65 15.78 -3.90
N LEU A 210 23.45 15.35 -5.14
CA LEU A 210 23.32 16.29 -6.24
C LEU A 210 22.10 17.19 -6.06
N CYS A 211 20.97 16.61 -5.69
CA CYS A 211 19.76 17.41 -5.48
C CYS A 211 19.92 18.34 -4.29
N LEU A 212 20.64 17.90 -3.26
CA LEU A 212 20.88 18.77 -2.11
C LEU A 212 21.69 20.00 -2.51
N VAL A 213 22.81 19.78 -3.22
CA VAL A 213 23.64 20.92 -3.58
C VAL A 213 22.94 21.78 -4.62
N LEU A 214 22.08 21.20 -5.45
CA LEU A 214 21.31 22.00 -6.40
C LEU A 214 20.28 22.86 -5.68
N SER A 215 19.64 22.32 -4.65
CA SER A 215 18.66 23.09 -3.90
C SER A 215 19.31 24.21 -3.10
N THR A 216 20.51 23.96 -2.57
CA THR A 216 21.12 24.94 -1.68
C THR A 216 21.90 26.00 -2.46
N CYS A 217 22.77 25.58 -3.39
CA CYS A 217 23.77 26.50 -3.92
C CYS A 217 23.63 26.74 -5.42
N VAL A 218 22.56 26.26 -6.04
CA VAL A 218 22.31 26.50 -7.45
C VAL A 218 20.90 27.00 -7.72
N GLY A 219 19.99 26.86 -6.77
CA GLY A 219 18.60 27.19 -6.98
C GLY A 219 18.25 28.64 -6.68
N PRO A 220 18.56 29.12 -5.47
CA PRO A 220 18.22 30.51 -5.13
C PRO A 220 19.16 31.54 -5.74
N TYR A 221 20.12 31.11 -6.54
CA TYR A 221 21.03 32.01 -7.25
C TYR A 221 21.01 31.70 -8.74
N LEU A 222 19.82 31.50 -9.29
CA LEU A 222 19.69 30.97 -10.65
C LEU A 222 19.59 32.09 -11.68
N PHE A 223 18.59 32.96 -11.54
CA PHE A 223 18.33 33.99 -12.54
C PHE A 223 19.29 35.16 -12.50
N PRO A 224 19.77 35.60 -11.33
CA PRO A 224 20.85 36.62 -11.35
C PRO A 224 22.12 36.12 -12.01
N TYR A 225 22.60 34.93 -11.64
CA TYR A 225 23.93 34.47 -12.03
C TYR A 225 23.89 33.38 -13.11
N PHE A 226 23.18 32.29 -12.88
CA PHE A 226 23.20 31.17 -13.83
C PHE A 226 22.46 31.47 -15.13
N ILE A 227 21.67 32.55 -15.17
CA ILE A 227 20.92 32.93 -16.37
C ILE A 227 21.09 34.43 -16.55
N PRO A 228 21.16 34.94 -17.78
CA PRO A 228 21.27 36.39 -17.97
C PRO A 228 19.93 37.11 -17.91
N LEU A 229 18.89 36.46 -17.37
CA LEU A 229 17.56 37.05 -17.36
C LEU A 229 17.50 38.26 -16.45
N ASN A 230 17.79 38.08 -15.16
CA ASN A 230 17.71 39.18 -14.21
C ASN A 230 18.79 40.21 -14.46
N ALA A 242 12.21 41.64 -9.62
CA ALA A 242 11.29 40.77 -10.33
C ALA A 242 10.48 39.93 -9.34
N ARG A 243 9.21 39.67 -9.69
CA ARG A 243 8.33 38.88 -8.84
C ARG A 243 8.29 37.43 -9.27
N TRP A 244 8.13 37.17 -10.57
CA TRP A 244 7.98 35.81 -11.05
C TRP A 244 9.30 35.06 -11.09
N LEU A 245 10.42 35.77 -11.29
CA LEU A 245 11.72 35.11 -11.29
C LEU A 245 12.04 34.54 -9.91
N ARG A 246 11.84 35.33 -8.86
CA ARG A 246 12.06 34.83 -7.51
C ARG A 246 11.04 33.75 -7.14
N ALA A 247 9.83 33.84 -7.67
CA ALA A 247 8.84 32.79 -7.45
C ALA A 247 9.32 31.47 -8.04
N TYR A 248 9.80 31.50 -9.28
CA TYR A 248 10.31 30.28 -9.91
C TYR A 248 11.53 29.76 -9.16
N GLU A 249 12.39 30.66 -8.68
CA GLU A 249 13.57 30.22 -7.94
C GLU A 249 13.19 29.54 -6.64
N SER A 250 12.25 30.11 -5.89
CA SER A 250 11.79 29.48 -4.65
C SER A 250 11.15 28.14 -4.94
N ALA A 251 10.35 28.05 -6.00
CA ALA A 251 9.72 26.79 -6.35
C ALA A 251 10.77 25.73 -6.67
N VAL A 252 11.76 26.08 -7.48
CA VAL A 252 12.80 25.11 -7.85
C VAL A 252 13.61 24.67 -6.64
N SER A 253 13.95 25.62 -5.76
CA SER A 253 14.72 25.26 -4.57
C SER A 253 13.94 24.31 -3.67
N PHE A 254 12.66 24.58 -3.45
CA PHE A 254 11.87 23.69 -2.61
C PHE A 254 11.71 22.32 -3.27
N HIS A 255 11.46 22.29 -4.58
CA HIS A 255 11.34 21.02 -5.28
C HIS A 255 12.60 20.19 -5.13
N PHE A 256 13.77 20.82 -5.28
CA PHE A 256 14.99 20.03 -5.24
C PHE A 256 15.38 19.65 -3.81
N SER A 257 14.98 20.42 -2.81
CA SER A 257 15.13 19.94 -1.44
C SER A 257 14.28 18.69 -1.20
N ASN A 258 13.04 18.72 -1.69
CA ASN A 258 12.19 17.53 -1.56
C ASN A 258 12.76 16.35 -2.32
N TYR A 259 13.38 16.60 -3.47
CA TYR A 259 13.99 15.51 -4.22
C TYR A 259 15.20 14.95 -3.51
N PHE A 260 15.98 15.82 -2.85
CA PHE A 260 17.05 15.31 -1.99
C PHE A 260 16.49 14.36 -0.95
N VAL A 261 15.44 14.78 -0.25
CA VAL A 261 14.89 13.92 0.80
C VAL A 261 14.34 12.63 0.21
N GLY A 262 13.77 12.69 -0.99
CA GLY A 262 13.21 11.49 -1.61
C GLY A 262 14.27 10.50 -2.04
N PHE A 263 15.31 11.00 -2.73
CA PHE A 263 16.40 10.11 -3.16
C PHE A 263 17.14 9.55 -1.95
N LEU A 264 17.30 10.35 -0.89
CA LEU A 264 17.93 9.83 0.31
C LEU A 264 17.06 8.77 0.97
N SER A 265 15.74 8.97 0.96
CA SER A 265 14.85 7.97 1.54
C SER A 265 14.90 6.66 0.78
N GLU A 266 14.96 6.72 -0.55
CA GLU A 266 15.04 5.47 -1.30
C GLU A 266 16.43 4.85 -1.24
N ALA A 267 17.47 5.65 -1.02
CA ALA A 267 18.81 5.09 -0.84
C ALA A 267 18.95 4.43 0.51
N THR A 268 18.25 4.94 1.52
CA THR A 268 18.31 4.33 2.84
C THR A 268 17.29 3.21 3.03
N ALA A 269 16.27 3.14 2.18
CA ALA A 269 15.36 2.01 2.19
C ALA A 269 15.80 0.90 1.24
N THR A 270 16.66 1.19 0.26
CA THR A 270 17.27 0.15 -0.54
C THR A 270 18.54 -0.39 0.09
N LEU A 271 19.22 0.41 0.90
CA LEU A 271 20.41 -0.06 1.60
C LEU A 271 20.04 -1.04 2.72
N ALA A 272 18.83 -0.94 3.24
CA ALA A 272 18.41 -1.81 4.33
C ALA A 272 17.89 -3.15 3.85
N GLY A 273 17.53 -3.27 2.58
CA GLY A 273 17.03 -4.53 2.06
C GLY A 273 15.71 -4.38 1.35
N ALA A 274 14.87 -3.45 1.80
CA ALA A 274 13.56 -3.27 1.22
C ALA A 274 13.67 -2.61 -0.15
N GLY A 275 12.51 -2.30 -0.72
CA GLY A 275 12.48 -1.63 -2.01
C GLY A 275 12.97 -2.50 -3.15
N PHE A 276 12.22 -3.55 -3.47
CA PHE A 276 12.50 -4.36 -4.65
C PHE A 276 11.21 -5.00 -5.12
N THR A 277 11.18 -5.35 -6.40
CA THR A 277 10.02 -6.00 -7.01
C THR A 277 10.51 -7.15 -7.87
N GLU A 278 9.94 -8.33 -7.64
CA GLU A 278 10.33 -9.53 -8.37
C GLU A 278 9.10 -10.17 -9.00
N GLU A 279 9.27 -10.66 -10.23
CA GLU A 279 8.20 -11.33 -10.95
C GLU A 279 8.82 -12.41 -11.82
N LYS A 280 8.55 -13.68 -11.47
CA LYS A 280 9.05 -14.83 -12.21
C LYS A 280 10.58 -14.84 -12.27
N ASP A 281 11.18 -14.88 -11.07
CA ASP A 281 12.63 -14.99 -10.91
C ASP A 281 13.37 -13.86 -11.62
N HIS A 282 12.98 -12.63 -11.30
CA HIS A 282 13.64 -11.44 -11.86
C HIS A 282 13.62 -10.36 -10.77
N LEU A 283 14.70 -10.31 -9.99
CA LEU A 283 14.82 -9.35 -8.90
C LEU A 283 15.29 -8.02 -9.44
N GLU A 284 14.47 -6.97 -9.27
CA GLU A 284 14.77 -5.64 -9.79
C GLU A 284 14.51 -4.62 -8.70
N TRP A 285 15.57 -3.95 -8.25
CA TRP A 285 15.47 -2.93 -7.21
C TRP A 285 14.96 -1.65 -7.84
N ASP A 286 13.65 -1.41 -7.75
CA ASP A 286 13.01 -0.29 -8.43
C ASP A 286 12.09 0.46 -7.49
N LEU A 287 12.58 0.77 -6.29
CA LEU A 287 11.85 1.64 -5.38
C LEU A 287 12.08 3.08 -5.81
N THR A 288 11.03 3.75 -6.26
CA THR A 288 11.09 5.15 -6.66
C THR A 288 10.17 5.96 -5.77
N VAL A 289 10.67 7.05 -5.22
CA VAL A 289 9.92 7.88 -4.28
C VAL A 289 9.44 9.14 -4.96
N SER A 290 10.24 9.67 -5.89
CA SER A 290 9.86 10.88 -6.60
C SER A 290 10.49 10.87 -7.98
N LYS A 291 9.82 11.51 -8.92
CA LYS A 291 10.30 11.64 -10.30
C LYS A 291 10.51 13.11 -10.63
N PRO A 292 11.74 13.61 -10.55
CA PRO A 292 11.96 15.04 -10.81
C PRO A 292 11.64 15.46 -12.23
N LEU A 293 11.76 14.56 -13.21
CA LEU A 293 11.52 14.94 -14.60
C LEU A 293 10.04 15.02 -14.95
N ASN A 294 9.15 14.70 -14.03
CA ASN A 294 7.72 14.87 -14.26
C ASN A 294 7.14 16.07 -13.53
N VAL A 295 7.90 16.69 -12.63
CA VAL A 295 7.50 17.92 -11.99
C VAL A 295 8.27 19.12 -12.53
N GLU A 296 9.49 18.93 -13.01
CA GLU A 296 10.26 20.03 -13.59
C GLU A 296 9.99 20.21 -15.08
N LEU A 297 9.46 19.18 -15.75
CA LEU A 297 8.97 19.28 -17.12
C LEU A 297 7.60 18.63 -17.16
N PRO A 298 6.60 19.26 -16.54
CA PRO A 298 5.34 18.57 -16.28
C PRO A 298 4.43 18.51 -17.49
N ARG A 299 3.56 17.50 -17.49
CA ARG A 299 2.49 17.43 -18.47
C ARG A 299 1.20 18.03 -17.94
N SER A 300 0.89 17.82 -16.67
CA SER A 300 -0.29 18.37 -16.04
C SER A 300 -0.08 18.38 -14.54
N MET A 301 -0.99 19.04 -13.83
CA MET A 301 -0.86 19.11 -12.38
C MET A 301 -1.18 17.79 -11.71
N VAL A 302 -2.00 16.95 -12.35
CA VAL A 302 -2.26 15.62 -11.81
C VAL A 302 -0.97 14.80 -11.79
N GLU A 303 -0.21 14.85 -12.88
CA GLU A 303 1.07 14.15 -12.92
C GLU A 303 2.07 14.76 -11.95
N VAL A 304 1.92 16.05 -11.63
CA VAL A 304 2.81 16.68 -10.66
C VAL A 304 2.52 16.17 -9.26
N VAL A 305 1.24 16.17 -8.86
CA VAL A 305 0.89 15.70 -7.53
C VAL A 305 1.05 14.20 -7.41
N THR A 306 1.09 13.46 -8.53
CA THR A 306 1.37 12.03 -8.48
C THR A 306 2.86 11.73 -8.45
N SER A 307 3.67 12.51 -9.16
CA SER A 307 5.10 12.29 -9.24
C SER A 307 5.88 13.03 -8.16
N TRP A 308 5.20 13.82 -7.33
CA TRP A 308 5.88 14.50 -6.23
C TRP A 308 6.38 13.50 -5.19
N ASN A 309 5.50 12.62 -4.73
CA ASN A 309 5.84 11.55 -3.80
C ASN A 309 5.04 10.33 -4.21
N LEU A 310 5.71 9.32 -4.73
CA LEU A 310 4.98 8.17 -5.27
C LEU A 310 4.44 7.28 -4.16
N PRO A 311 5.21 6.93 -3.13
CA PRO A 311 4.61 6.17 -2.02
C PRO A 311 3.48 6.90 -1.31
N MET A 312 3.63 8.20 -1.07
CA MET A 312 2.56 8.93 -0.40
C MET A 312 1.35 9.11 -1.29
N SER A 313 1.56 9.30 -2.60
CA SER A 313 0.43 9.37 -3.51
C SER A 313 -0.32 8.04 -3.56
N TYR A 314 0.43 6.92 -3.59
CA TYR A 314 -0.21 5.61 -3.57
C TYR A 314 -0.99 5.41 -2.28
N TRP A 315 -0.38 5.73 -1.14
CA TRP A 315 -1.07 5.58 0.14
C TRP A 315 -2.34 6.42 0.17
N LEU A 316 -2.23 7.72 -0.12
CA LEU A 316 -3.40 8.59 -0.10
C LEU A 316 -4.48 8.06 -1.02
N ASN A 317 -4.16 7.91 -2.32
CA ASN A 317 -5.11 7.39 -3.28
C ASN A 317 -5.79 6.13 -2.74
N ASN A 318 -5.01 5.07 -2.55
CA ASN A 318 -5.59 3.78 -2.20
C ASN A 318 -6.45 3.92 -0.96
N TYR A 319 -5.83 4.20 0.19
CA TYR A 319 -6.58 4.14 1.44
C TYR A 319 -7.64 5.24 1.51
N VAL A 320 -7.21 6.50 1.52
CA VAL A 320 -8.16 7.59 1.78
C VAL A 320 -9.17 7.69 0.64
N PHE A 321 -8.69 7.74 -0.61
CA PHE A 321 -9.58 7.96 -1.74
C PHE A 321 -10.52 6.78 -1.94
N LYS A 322 -10.00 5.54 -1.95
CA LYS A 322 -10.88 4.41 -2.17
C LYS A 322 -11.78 4.13 -0.98
N ASN A 323 -11.53 4.72 0.19
CA ASN A 323 -12.51 4.62 1.26
C ASN A 323 -13.57 5.72 1.18
N ALA A 324 -13.17 6.94 0.84
CA ALA A 324 -14.09 8.07 0.79
C ALA A 324 -14.73 8.26 -0.58
N LEU A 325 -14.54 7.32 -1.50
CA LEU A 325 -15.14 7.41 -2.83
C LEU A 325 -16.67 7.37 -2.80
N ARG A 326 -17.29 7.09 -1.66
CA ARG A 326 -18.75 7.14 -1.59
C ARG A 326 -19.26 8.57 -1.56
N LEU A 327 -18.49 9.50 -0.98
CA LEU A 327 -18.90 10.89 -0.86
C LEU A 327 -18.93 11.62 -2.19
N GLY A 328 -18.50 11.00 -3.27
CA GLY A 328 -18.40 11.66 -4.56
C GLY A 328 -16.95 11.93 -4.93
N THR A 329 -16.74 12.17 -6.23
CA THR A 329 -15.38 12.33 -6.73
C THR A 329 -14.71 13.57 -6.13
N PHE A 330 -15.34 14.73 -6.26
CA PHE A 330 -14.72 15.96 -5.78
C PHE A 330 -14.63 15.96 -4.26
N SER A 331 -15.66 15.46 -3.57
CA SER A 331 -15.59 15.38 -2.12
C SER A 331 -14.47 14.44 -1.67
N ALA A 332 -14.26 13.35 -2.41
CA ALA A 332 -13.18 12.44 -2.06
C ALA A 332 -11.82 13.07 -2.32
N VAL A 333 -11.71 13.88 -3.37
CA VAL A 333 -10.44 14.57 -3.64
C VAL A 333 -10.15 15.58 -2.53
N LEU A 334 -11.18 16.31 -2.10
CA LEU A 334 -10.98 17.26 -1.02
C LEU A 334 -10.63 16.55 0.29
N VAL A 335 -11.24 15.39 0.54
CA VAL A 335 -10.90 14.62 1.73
C VAL A 335 -9.47 14.12 1.66
N THR A 336 -9.02 13.73 0.47
CA THR A 336 -7.64 13.28 0.30
C THR A 336 -6.66 14.42 0.57
N TYR A 337 -6.94 15.61 0.06
CA TYR A 337 -6.04 16.73 0.32
C TYR A 337 -6.11 17.19 1.77
N ALA A 338 -7.26 17.03 2.42
CA ALA A 338 -7.34 17.34 3.85
C ALA A 338 -6.53 16.33 4.67
N ALA A 339 -6.57 15.05 4.28
CA ALA A 339 -5.75 14.05 4.94
C ALA A 339 -4.28 14.34 4.75
N SER A 340 -3.90 14.81 3.56
CA SER A 340 -2.50 15.19 3.33
C SER A 340 -2.10 16.38 4.19
N ALA A 341 -2.97 17.39 4.28
CA ALA A 341 -2.68 18.55 5.12
C ALA A 341 -2.57 18.16 6.58
N LEU A 342 -3.36 17.18 7.03
CA LEU A 342 -3.28 16.75 8.41
C LEU A 342 -2.01 15.95 8.67
N LEU A 343 -1.66 15.05 7.76
CA LEU A 343 -0.43 14.26 7.92
C LEU A 343 0.79 15.16 7.95
N HIS A 344 0.86 16.13 7.03
CA HIS A 344 2.04 17.00 6.97
C HIS A 344 2.00 18.14 7.98
N GLY A 345 0.94 18.25 8.77
CA GLY A 345 0.86 19.28 9.78
C GLY A 345 0.07 20.48 9.31
N PHE A 346 -1.05 20.76 9.97
CA PHE A 346 -1.90 21.88 9.57
C PHE A 346 -1.16 23.19 9.75
N SER A 347 -1.17 24.02 8.71
CA SER A 347 -0.55 25.33 8.75
C SER A 347 -0.98 26.15 7.54
N PHE A 348 -1.41 27.39 7.76
CA PHE A 348 -1.65 28.29 6.65
C PHE A 348 -0.37 28.46 5.85
N HIS A 349 -0.51 28.55 4.53
CA HIS A 349 0.48 28.41 3.44
C HIS A 349 0.71 26.94 3.14
N LEU A 350 0.03 26.02 3.82
CA LEU A 350 -0.02 24.62 3.43
C LEU A 350 -1.44 24.13 3.19
N ALA A 351 -2.39 24.54 4.04
CA ALA A 351 -3.79 24.27 3.74
C ALA A 351 -4.24 25.08 2.53
N ALA A 352 -3.71 26.29 2.37
CA ALA A 352 -4.04 27.10 1.21
C ALA A 352 -3.45 26.51 -0.06
N VAL A 353 -2.18 26.10 -0.02
CA VAL A 353 -1.55 25.47 -1.17
C VAL A 353 -2.27 24.19 -1.54
N LEU A 354 -2.66 23.40 -0.54
CA LEU A 354 -3.28 22.11 -0.85
C LEU A 354 -4.71 22.29 -1.35
N LEU A 355 -5.43 23.30 -0.86
CA LEU A 355 -6.75 23.58 -1.40
C LEU A 355 -6.65 24.09 -2.82
N SER A 356 -5.67 24.96 -3.10
CA SER A 356 -5.46 25.43 -4.46
C SER A 356 -5.06 24.27 -5.37
N LEU A 357 -4.27 23.33 -4.87
CA LEU A 357 -3.93 22.16 -5.67
C LEU A 357 -5.17 21.31 -5.95
N ALA A 358 -6.02 21.11 -4.95
CA ALA A 358 -7.25 20.37 -5.18
C ALA A 358 -8.05 21.00 -6.32
N PHE A 359 -8.30 22.29 -6.23
CA PHE A 359 -9.12 22.94 -7.25
C PHE A 359 -8.41 22.96 -8.60
N ILE A 360 -7.11 23.21 -8.63
CA ILE A 360 -6.37 23.29 -9.89
C ILE A 360 -6.37 21.95 -10.59
N THR A 361 -6.00 20.88 -9.87
CA THR A 361 -5.98 19.55 -10.48
C THR A 361 -7.37 19.14 -10.93
N TYR A 362 -8.41 19.42 -10.14
CA TYR A 362 -9.75 19.05 -10.56
C TYR A 362 -10.14 19.77 -11.86
N VAL A 363 -10.02 21.10 -11.87
CA VAL A 363 -10.43 21.86 -13.04
C VAL A 363 -9.63 21.45 -14.26
N GLU A 364 -8.30 21.29 -14.12
CA GLU A 364 -7.47 20.92 -15.25
C GLU A 364 -7.82 19.53 -15.76
N HIS A 365 -7.98 18.57 -14.85
CA HIS A 365 -8.33 17.21 -15.25
C HIS A 365 -9.64 17.20 -16.04
N VAL A 366 -10.67 17.85 -15.51
CA VAL A 366 -11.98 17.74 -16.13
C VAL A 366 -12.02 18.54 -17.45
N LEU A 367 -11.36 19.70 -17.48
CA LEU A 367 -11.29 20.47 -18.71
C LEU A 367 -10.55 19.72 -19.80
N ARG A 368 -9.41 19.10 -19.46
CA ARG A 368 -8.67 18.31 -20.44
C ARG A 368 -9.47 17.12 -20.90
N LYS A 369 -10.24 16.50 -20.00
CA LYS A 369 -11.07 15.36 -20.41
C LYS A 369 -12.12 15.79 -21.42
N ARG A 370 -12.81 16.91 -21.15
CA ARG A 370 -13.80 17.39 -22.11
C ARG A 370 -13.14 17.80 -23.43
N LEU A 371 -11.97 18.43 -23.37
CA LEU A 371 -11.28 18.82 -24.60
C LEU A 371 -10.88 17.61 -25.42
N ALA A 372 -10.44 16.53 -24.76
CA ALA A 372 -10.07 15.32 -25.46
C ALA A 372 -11.29 14.60 -26.02
N ARG A 373 -12.44 14.72 -25.36
CA ARG A 373 -13.65 14.14 -25.92
C ARG A 373 -14.17 14.94 -27.10
N ILE A 374 -14.01 16.26 -27.08
CA ILE A 374 -14.55 17.09 -28.15
C ILE A 374 -13.63 17.07 -29.37
N LEU A 375 -12.33 17.27 -29.17
CA LEU A 375 -11.38 17.29 -30.28
C LEU A 375 -10.95 15.90 -30.71
N SER A 376 -11.36 14.86 -29.99
CA SER A 376 -11.00 13.47 -30.31
C SER A 376 -9.48 13.31 -30.43
N ALA A 377 -8.74 14.08 -29.64
CA ALA A 377 -7.28 14.04 -29.67
C ALA A 377 -6.75 13.55 -28.36
N CYS A 378 -5.45 13.30 -28.29
CA CYS A 378 -4.84 12.86 -27.05
C CYS A 378 -4.39 14.00 -26.15
N VAL A 379 -5.34 14.71 -25.55
CA VAL A 379 -5.00 15.79 -24.65
C VAL A 379 -5.29 15.43 -23.19
N LEU A 380 -5.56 14.16 -22.93
CA LEU A 380 -5.86 13.71 -21.57
C LEU A 380 -4.76 14.04 -20.60
N SER A 381 -5.14 14.39 -19.38
CA SER A 381 -4.26 14.83 -18.33
C SER A 381 -3.06 13.90 -18.13
N LYS A 382 -3.09 12.71 -18.72
CA LYS A 382 -1.98 11.77 -18.66
C LYS A 382 -1.73 11.21 -20.05
N ARG A 383 -0.60 10.53 -20.21
CA ARG A 383 -0.26 9.93 -21.50
C ARG A 383 -1.26 8.83 -21.84
N CYS A 384 -2.07 8.96 -22.87
CA CYS A 384 -2.99 7.85 -23.16
C CYS A 384 -2.32 6.86 -24.07
N PRO A 385 -2.66 5.58 -23.92
CA PRO A 385 -1.98 4.57 -24.74
C PRO A 385 -2.46 4.42 -26.19
N PRO A 386 -2.10 3.31 -26.83
CA PRO A 386 -2.49 3.02 -28.21
C PRO A 386 -3.88 2.37 -28.34
N ASP A 387 -4.59 2.25 -27.22
CA ASP A 387 -5.92 1.67 -27.19
C ASP A 387 -6.96 2.79 -27.22
N CYS A 388 -6.48 4.02 -27.47
CA CYS A 388 -7.32 5.20 -27.60
C CYS A 388 -8.45 5.15 -28.62
N SER A 389 -9.47 5.95 -28.34
CA SER A 389 -10.62 6.14 -29.21
C SER A 389 -10.32 7.43 -29.95
N HIS A 390 -9.17 7.98 -29.65
CA HIS A 390 -8.65 9.24 -30.22
C HIS A 390 -8.13 9.23 -31.67
N GLN A 391 -8.68 10.13 -32.49
CA GLN A 391 -8.35 10.24 -33.90
C GLN A 391 -7.04 10.98 -34.15
N HIS A 392 -6.73 11.99 -33.34
CA HIS A 392 -5.51 12.78 -33.46
C HIS A 392 -4.57 12.39 -32.33
N ARG A 393 -3.51 11.66 -32.66
CA ARG A 393 -2.55 11.18 -31.67
C ARG A 393 -1.23 11.93 -31.68
N LEU A 394 -0.75 12.30 -32.87
CA LEU A 394 0.51 13.04 -32.98
C LEU A 394 0.35 14.22 -33.92
N GLY A 395 1.45 14.88 -34.25
CA GLY A 395 1.41 16.01 -35.16
C GLY A 395 1.93 17.30 -34.56
N LEU A 396 1.16 18.37 -34.68
CA LEU A 396 1.51 19.66 -34.12
C LEU A 396 0.46 20.23 -33.19
N GLY A 397 -0.83 20.05 -33.51
CA GLY A 397 -1.87 20.57 -32.65
C GLY A 397 -1.87 19.91 -31.29
N VAL A 398 -1.74 18.59 -31.26
CA VAL A 398 -1.63 17.87 -29.99
C VAL A 398 -0.38 18.32 -29.23
N ARG A 399 0.75 18.40 -29.94
CA ARG A 399 1.98 18.85 -29.31
C ARG A 399 1.85 20.28 -28.79
N ALA A 400 1.26 21.17 -29.59
CA ALA A 400 1.12 22.55 -29.17
C ALA A 400 0.22 22.67 -27.95
N LEU A 401 -0.88 21.92 -27.93
CA LEU A 401 -1.79 22.01 -26.79
C LEU A 401 -1.16 21.43 -25.54
N ASN A 402 -0.44 20.32 -25.66
CA ASN A 402 0.23 19.76 -24.50
C ASN A 402 1.34 20.67 -23.98
N LEU A 403 2.03 21.37 -24.88
CA LEU A 403 3.04 22.34 -24.43
C LEU A 403 2.38 23.53 -23.76
N LEU A 404 1.22 23.97 -24.26
CA LEU A 404 0.50 25.05 -23.58
C LEU A 404 0.11 24.64 -22.18
N PHE A 405 -0.42 23.42 -22.03
CA PHE A 405 -0.81 22.96 -20.70
C PHE A 405 0.40 22.73 -19.81
N GLY A 406 1.54 22.34 -20.38
CA GLY A 406 2.75 22.22 -19.57
C GLY A 406 3.26 23.56 -19.09
N ALA A 407 3.20 24.59 -19.95
CA ALA A 407 3.55 25.93 -19.51
C ALA A 407 2.60 26.41 -18.42
N LEU A 408 1.31 26.09 -18.57
CA LEU A 408 0.35 26.43 -17.52
C LEU A 408 0.69 25.72 -16.21
N ALA A 409 1.14 24.47 -16.29
CA ALA A 409 1.51 23.72 -15.09
C ALA A 409 2.75 24.32 -14.43
N ILE A 410 3.74 24.75 -15.23
CA ILE A 410 4.91 25.39 -14.66
C ILE A 410 4.54 26.72 -14.01
N PHE A 411 3.64 27.45 -14.62
CA PHE A 411 3.18 28.72 -14.04
C PHE A 411 2.44 28.48 -12.73
N HIS A 412 1.59 27.46 -12.68
CA HIS A 412 0.92 27.09 -11.43
C HIS A 412 1.93 26.70 -10.36
N LEU A 413 2.95 25.92 -10.73
CA LEU A 413 3.94 25.48 -9.76
C LEU A 413 4.72 26.65 -9.20
N ALA A 414 5.10 27.60 -10.07
CA ALA A 414 5.80 28.78 -9.60
C ALA A 414 4.92 29.58 -8.63
N TYR A 415 3.67 29.84 -9.03
CA TYR A 415 2.77 30.61 -8.17
C TYR A 415 2.53 29.92 -6.84
N LEU A 416 2.49 28.59 -6.82
CA LEU A 416 2.20 27.88 -5.58
C LEU A 416 3.43 27.78 -4.68
N GLY A 417 4.59 27.49 -5.25
CA GLY A 417 5.81 27.38 -4.48
C GLY A 417 6.49 28.69 -4.15
N SER A 418 5.98 29.82 -4.63
CA SER A 418 6.54 31.10 -4.24
C SER A 418 6.48 31.33 -2.74
N LEU A 419 5.59 30.65 -2.02
CA LEU A 419 5.48 30.87 -0.58
C LEU A 419 6.71 30.38 0.17
N PHE A 420 7.29 29.25 -0.27
CA PHE A 420 8.43 28.65 0.41
C PHE A 420 9.73 29.30 -0.10
N ASP A 421 9.90 30.57 0.29
CA ASP A 421 11.02 31.36 -0.19
C ASP A 421 12.34 30.82 0.34
N VAL A 422 13.41 31.10 -0.41
CA VAL A 422 14.76 30.68 -0.08
C VAL A 422 14.85 29.17 0.14
N TYR A 433 4.67 31.93 6.15
CA TYR A 433 4.37 31.79 7.57
C TYR A 433 2.87 31.66 7.81
N GLY A 434 2.25 32.75 8.25
CA GLY A 434 0.85 32.78 8.59
C GLY A 434 -0.02 33.24 7.44
N MET A 435 -1.18 33.82 7.77
CA MET A 435 -2.09 34.31 6.75
C MET A 435 -1.54 35.56 6.08
N ALA A 436 -0.88 36.43 6.85
CA ALA A 436 -0.34 37.66 6.29
C ALA A 436 0.69 37.38 5.20
N TYR A 437 1.60 36.44 5.47
CA TYR A 437 2.65 36.14 4.49
C TYR A 437 2.08 35.51 3.23
N THR A 438 1.11 34.60 3.38
CA THR A 438 0.49 33.98 2.22
C THR A 438 -0.24 35.00 1.37
N VAL A 439 -1.06 35.85 2.00
CA VAL A 439 -1.78 36.86 1.24
C VAL A 439 -0.82 37.83 0.59
N HIS A 440 0.27 38.17 1.27
CA HIS A 440 1.26 39.08 0.69
C HIS A 440 1.91 38.48 -0.54
N LYS A 441 2.41 37.25 -0.42
CA LYS A 441 3.11 36.62 -1.54
C LYS A 441 2.18 36.31 -2.70
N TRP A 442 0.91 36.05 -2.43
CA TRP A 442 -0.03 35.76 -3.51
C TRP A 442 -0.72 36.98 -4.08
N SER A 443 -0.66 38.13 -3.38
CA SER A 443 -1.12 39.38 -3.96
C SER A 443 -0.02 40.07 -4.75
N GLU A 444 1.23 39.90 -4.33
CA GLU A 444 2.34 40.39 -5.14
C GLU A 444 2.33 39.76 -6.53
N LEU A 445 1.86 38.53 -6.65
CA LEU A 445 1.68 37.86 -7.93
C LEU A 445 0.30 38.12 -8.53
N SER A 446 -0.44 39.09 -8.01
CA SER A 446 -1.75 39.52 -8.51
C SER A 446 -2.76 38.39 -8.57
N TRP A 447 -2.57 37.33 -7.77
CA TRP A 447 -3.48 36.19 -7.73
C TRP A 447 -3.69 35.63 -9.14
N ALA A 448 -2.59 35.37 -9.83
CA ALA A 448 -2.67 35.00 -11.24
C ALA A 448 -3.23 33.61 -11.42
N SER A 449 -2.68 32.63 -10.70
CA SER A 449 -3.06 31.23 -10.93
C SER A 449 -4.51 30.97 -10.60
N HIS A 450 -5.05 31.65 -9.58
CA HIS A 450 -6.44 31.43 -9.22
C HIS A 450 -7.37 31.97 -10.29
N TRP A 451 -7.08 33.17 -10.82
CA TRP A 451 -7.88 33.69 -11.92
C TRP A 451 -7.75 32.81 -13.16
N VAL A 452 -6.56 32.24 -13.39
CA VAL A 452 -6.37 31.34 -14.53
C VAL A 452 -7.23 30.09 -14.37
N THR A 453 -7.24 29.50 -13.19
CA THR A 453 -8.06 28.31 -12.95
C THR A 453 -9.55 28.64 -13.06
N PHE A 454 -9.95 29.83 -12.58
CA PHE A 454 -11.34 30.23 -12.67
C PHE A 454 -11.77 30.42 -14.12
N GLY A 455 -10.93 31.07 -14.92
CA GLY A 455 -11.23 31.20 -16.34
C GLY A 455 -11.25 29.86 -17.05
N CYS A 456 -10.36 28.95 -16.64
CA CYS A 456 -10.37 27.60 -17.21
C CYS A 456 -11.68 26.88 -16.89
N TRP A 457 -12.18 27.04 -15.66
CA TRP A 457 -13.43 26.40 -15.29
C TRP A 457 -14.61 27.03 -16.04
N ILE A 458 -14.59 28.35 -16.25
CA ILE A 458 -15.63 28.98 -17.03
C ILE A 458 -15.60 28.48 -18.47
N PHE A 459 -14.40 28.36 -19.05
CA PHE A 459 -14.29 27.83 -20.40
C PHE A 459 -14.76 26.38 -20.47
N TYR A 460 -14.51 25.62 -19.41
CA TYR A 460 -15.04 24.26 -19.34
C TYR A 460 -16.55 24.25 -19.34
N ARG A 461 -17.17 25.10 -18.52
CA ARG A 461 -18.63 25.10 -18.42
C ARG A 461 -19.28 25.63 -19.70
N LEU A 462 -18.63 26.56 -20.39
CA LEU A 462 -19.20 27.10 -21.62
C LEU A 462 -19.26 26.06 -22.72
N ILE A 463 -18.18 25.28 -22.89
CA ILE A 463 -18.16 24.26 -23.94
C ILE A 463 -18.92 23.00 -23.54
N GLY A 464 -19.33 22.89 -22.28
CA GLY A 464 -20.06 21.71 -21.83
C GLY A 464 -20.75 21.93 -20.51
N ASP B 21 0.81 -15.85 -8.08
CA ASP B 21 0.51 -16.20 -6.69
C ASP B 21 1.37 -17.36 -6.21
N ILE B 22 1.05 -17.86 -5.03
CA ILE B 22 1.83 -18.93 -4.39
C ILE B 22 1.22 -20.28 -4.77
N HIS B 23 2.08 -21.23 -5.13
CA HIS B 23 1.66 -22.58 -5.46
C HIS B 23 1.99 -23.51 -4.30
N MET B 24 1.02 -24.32 -3.90
CA MET B 24 1.13 -25.20 -2.74
C MET B 24 1.15 -26.64 -3.23
N THR B 25 2.25 -27.35 -3.00
CA THR B 25 2.40 -28.73 -3.43
C THR B 25 2.19 -29.63 -2.22
N GLN B 26 1.07 -30.35 -2.20
CA GLN B 26 0.74 -31.24 -1.10
C GLN B 26 1.00 -32.68 -1.50
N SER B 27 1.51 -33.47 -0.57
CA SER B 27 1.92 -34.83 -0.86
C SER B 27 1.65 -35.71 0.35
N PRO B 28 1.31 -36.98 0.16
CA PRO B 28 1.05 -37.58 -1.16
C PRO B 28 -0.38 -37.33 -1.62
N ALA B 29 -0.68 -37.62 -2.89
CA ALA B 29 -2.03 -37.45 -3.39
C ALA B 29 -2.98 -38.45 -2.74
N SER B 30 -2.52 -39.67 -2.50
CA SER B 30 -3.30 -40.70 -1.83
C SER B 30 -2.47 -41.32 -0.72
N LEU B 31 -3.16 -41.82 0.30
CA LEU B 31 -2.49 -42.35 1.47
C LEU B 31 -3.50 -43.19 2.25
N SER B 32 -3.10 -44.40 2.64
CA SER B 32 -3.99 -45.32 3.32
C SER B 32 -3.26 -45.98 4.48
N ALA B 33 -3.99 -46.20 5.57
CA ALA B 33 -3.45 -46.82 6.76
C ALA B 33 -4.56 -47.53 7.51
N PHE B 34 -4.23 -48.06 8.68
CA PHE B 34 -5.18 -48.76 9.52
C PHE B 34 -5.61 -47.87 10.68
N VAL B 35 -6.77 -48.21 11.25
CA VAL B 35 -7.29 -47.48 12.41
C VAL B 35 -6.33 -47.68 13.57
N GLY B 36 -5.68 -46.60 13.99
CA GLY B 36 -4.69 -46.64 15.05
C GLY B 36 -3.27 -46.37 14.58
N GLU B 37 -3.02 -46.37 13.29
CA GLU B 37 -1.69 -46.11 12.75
C GLU B 37 -1.39 -44.62 12.81
N THR B 38 -0.23 -44.23 12.27
CA THR B 38 0.21 -42.85 12.24
C THR B 38 0.55 -42.47 10.81
N VAL B 39 0.07 -41.31 10.37
CA VAL B 39 0.33 -40.83 9.01
C VAL B 39 0.87 -39.41 9.07
N THR B 40 1.45 -38.98 7.96
CA THR B 40 2.06 -37.66 7.87
C THR B 40 1.85 -37.11 6.46
N ILE B 41 1.33 -35.89 6.38
CA ILE B 41 1.11 -35.19 5.12
C ILE B 41 2.08 -34.02 5.03
N THR B 42 2.64 -33.79 3.85
CA THR B 42 3.61 -32.73 3.63
C THR B 42 3.01 -31.67 2.72
N CYS B 43 3.36 -30.41 2.99
CA CYS B 43 2.94 -29.28 2.17
C CYS B 43 4.15 -28.40 1.93
N ARG B 44 4.64 -28.38 0.70
CA ARG B 44 5.75 -27.52 0.30
C ARG B 44 5.21 -26.27 -0.37
N THR B 45 5.74 -25.12 0.01
CA THR B 45 5.27 -23.84 -0.47
C THR B 45 6.25 -23.28 -1.48
N SER B 46 5.72 -22.70 -2.56
CA SER B 46 6.58 -22.14 -3.60
C SER B 46 7.43 -21.00 -3.07
N GLU B 47 6.92 -20.25 -2.10
CA GLU B 47 7.62 -19.14 -1.49
C GLU B 47 7.77 -19.37 0.01
N ASN B 48 8.38 -18.40 0.68
CA ASN B 48 8.48 -18.42 2.14
C ASN B 48 7.28 -17.69 2.71
N ILE B 49 6.53 -18.36 3.57
CA ILE B 49 5.28 -17.81 4.09
C ILE B 49 5.31 -17.64 5.61
N PHE B 50 6.48 -17.74 6.24
CA PHE B 50 6.67 -17.36 7.63
C PHE B 50 5.78 -18.15 8.59
N SER B 51 5.53 -19.43 8.28
CA SER B 51 4.67 -20.27 9.09
C SER B 51 3.25 -19.72 9.15
N TYR B 52 2.72 -19.35 7.99
CA TYR B 52 1.33 -18.94 7.83
C TYR B 52 0.66 -20.02 7.01
N LEU B 53 0.16 -21.06 7.68
CA LEU B 53 -0.45 -22.18 7.00
C LEU B 53 -1.60 -22.73 7.85
N ALA B 54 -2.67 -23.14 7.19
CA ALA B 54 -3.80 -23.79 7.83
C ALA B 54 -4.03 -25.15 7.19
N TRP B 55 -4.55 -26.07 7.98
CA TRP B 55 -4.89 -27.41 7.54
C TRP B 55 -6.38 -27.62 7.76
N TYR B 56 -7.09 -27.92 6.67
CA TYR B 56 -8.51 -28.22 6.65
C TYR B 56 -8.73 -29.70 6.39
N GLN B 57 -9.82 -30.23 6.93
CA GLN B 57 -10.26 -31.59 6.70
C GLN B 57 -11.66 -31.57 6.11
N GLN B 58 -11.83 -32.20 4.95
CA GLN B 58 -13.13 -32.32 4.31
C GLN B 58 -13.47 -33.79 4.16
N LYS B 59 -14.57 -34.21 4.76
CA LYS B 59 -15.01 -35.59 4.66
C LYS B 59 -15.78 -35.78 3.36
N GLN B 60 -16.40 -36.94 3.19
CA GLN B 60 -17.07 -37.27 1.93
C GLN B 60 -18.47 -36.65 1.93
N GLY B 61 -18.63 -35.56 1.17
CA GLY B 61 -19.92 -34.93 0.99
C GLY B 61 -20.14 -33.68 1.81
N LYS B 62 -19.27 -33.41 2.78
CA LYS B 62 -19.44 -32.27 3.66
C LYS B 62 -18.50 -31.13 3.25
N SER B 63 -18.61 -30.02 3.95
CA SER B 63 -17.76 -28.86 3.77
C SER B 63 -16.49 -29.00 4.60
N PRO B 64 -15.41 -28.32 4.21
CA PRO B 64 -14.17 -28.43 4.98
C PRO B 64 -14.31 -27.86 6.38
N GLN B 65 -13.47 -28.35 7.28
CA GLN B 65 -13.40 -27.85 8.64
C GLN B 65 -11.96 -27.48 8.95
N LEU B 66 -11.77 -26.32 9.57
CA LEU B 66 -10.43 -25.86 9.90
C LEU B 66 -9.87 -26.64 11.08
N LEU B 67 -8.82 -27.43 10.83
CA LEU B 67 -8.16 -28.16 11.90
C LEU B 67 -7.06 -27.34 12.54
N VAL B 68 -6.10 -26.87 11.74
CA VAL B 68 -4.90 -26.22 12.26
C VAL B 68 -4.75 -24.87 11.59
N TYR B 69 -4.24 -23.89 12.33
CA TYR B 69 -3.87 -22.60 11.75
C TYR B 69 -2.52 -22.18 12.33
N ASN B 70 -1.89 -21.22 11.66
CA ASN B 70 -0.52 -20.79 11.96
C ASN B 70 0.46 -21.96 11.94
N ALA B 71 0.10 -23.04 11.24
CA ALA B 71 0.94 -24.19 10.97
C ALA B 71 1.21 -25.03 12.22
N LYS B 72 0.83 -24.52 13.37
CA LYS B 72 1.05 -25.23 14.63
C LYS B 72 -0.14 -25.25 15.57
N THR B 73 -1.03 -24.26 15.53
CA THR B 73 -2.07 -24.09 16.54
C THR B 73 -3.29 -24.92 16.17
N LEU B 74 -3.72 -25.77 17.10
CA LEU B 74 -4.98 -26.50 16.94
C LEU B 74 -6.15 -25.58 17.27
N THR B 75 -7.29 -25.84 16.64
CA THR B 75 -8.48 -25.04 16.88
C THR B 75 -9.23 -25.58 18.09
N SER B 76 -10.31 -24.90 18.46
CA SER B 76 -11.11 -25.29 19.63
C SER B 76 -12.04 -26.42 19.23
N GLY B 77 -11.70 -27.64 19.63
CA GLY B 77 -12.55 -28.78 19.36
C GLY B 77 -11.81 -29.94 18.73
N VAL B 78 -10.82 -29.63 17.90
CA VAL B 78 -10.06 -30.69 17.22
C VAL B 78 -9.23 -31.45 18.24
N PRO B 79 -9.21 -32.79 18.19
CA PRO B 79 -8.45 -33.57 19.17
C PRO B 79 -6.97 -33.20 19.17
N SER B 80 -6.28 -33.67 20.20
CA SER B 80 -4.87 -33.36 20.40
C SER B 80 -3.93 -34.31 19.69
N ARG B 81 -4.45 -35.25 18.89
CA ARG B 81 -3.60 -36.15 18.14
C ARG B 81 -3.12 -35.55 16.82
N PHE B 82 -3.81 -34.52 16.32
CA PHE B 82 -3.33 -33.78 15.16
C PHE B 82 -2.21 -32.85 15.61
N SER B 83 -1.07 -32.92 14.92
CA SER B 83 0.07 -32.08 15.26
C SER B 83 0.61 -31.43 14.00
N GLY B 84 0.53 -30.10 13.93
CA GLY B 84 1.14 -29.38 12.84
C GLY B 84 2.56 -28.95 13.18
N SER B 85 3.40 -28.90 12.15
CA SER B 85 4.78 -28.48 12.34
C SER B 85 5.31 -27.94 11.02
N GLY B 86 6.47 -27.32 11.08
CA GLY B 86 7.12 -26.79 9.90
C GLY B 86 7.11 -25.27 9.87
N SER B 87 7.86 -24.75 8.90
CA SER B 87 8.02 -23.30 8.75
C SER B 87 8.81 -23.03 7.48
N GLY B 88 8.63 -21.83 6.96
CA GLY B 88 9.33 -21.44 5.73
C GLY B 88 8.59 -21.90 4.48
N THR B 89 9.14 -22.90 3.81
CA THR B 89 8.51 -23.49 2.63
C THR B 89 8.21 -24.97 2.80
N GLN B 90 8.30 -25.49 4.03
CA GLN B 90 8.09 -26.91 4.30
C GLN B 90 7.25 -27.04 5.56
N PHE B 91 6.08 -27.66 5.44
CA PHE B 91 5.20 -27.90 6.57
C PHE B 91 4.72 -29.34 6.55
N SER B 92 4.22 -29.80 7.69
CA SER B 92 3.74 -31.17 7.80
C SER B 92 2.64 -31.24 8.84
N LEU B 93 1.72 -32.18 8.62
CA LEU B 93 0.66 -32.51 9.56
C LEU B 93 0.77 -33.99 9.90
N LYS B 94 0.90 -34.29 11.18
CA LYS B 94 1.06 -35.65 11.66
C LYS B 94 -0.19 -36.07 12.43
N ILE B 95 -0.74 -37.23 12.08
CA ILE B 95 -1.93 -37.77 12.73
C ILE B 95 -1.53 -39.09 13.37
N ASN B 96 -1.50 -39.11 14.69
CA ASN B 96 -1.17 -40.32 15.44
C ASN B 96 -2.46 -40.99 15.91
N SER B 97 -2.46 -42.32 15.87
CA SER B 97 -3.61 -43.14 16.27
C SER B 97 -4.86 -42.76 15.46
N LEU B 98 -4.77 -43.05 14.17
CA LEU B 98 -5.88 -42.81 13.25
C LEU B 98 -7.16 -43.46 13.77
N GLN B 99 -8.19 -42.65 13.96
CA GLN B 99 -9.51 -43.10 14.32
C GLN B 99 -10.41 -43.14 13.10
N PRO B 100 -11.51 -43.89 13.15
CA PRO B 100 -12.39 -43.97 11.96
C PRO B 100 -12.95 -42.63 11.52
N GLU B 101 -12.99 -41.63 12.39
CA GLU B 101 -13.50 -40.32 12.05
C GLU B 101 -12.43 -39.40 11.47
N ASP B 102 -11.26 -39.93 11.12
CA ASP B 102 -10.14 -39.13 10.65
C ASP B 102 -9.77 -39.44 9.20
N PHE B 103 -10.67 -40.06 8.45
CA PHE B 103 -10.42 -40.48 7.07
C PHE B 103 -11.19 -39.56 6.13
N GLY B 104 -10.48 -38.62 5.53
CA GLY B 104 -11.04 -37.74 4.54
C GLY B 104 -9.94 -37.13 3.71
N SER B 105 -10.26 -36.00 3.08
CA SER B 105 -9.28 -35.22 2.34
C SER B 105 -8.73 -34.11 3.22
N TYR B 106 -7.46 -33.79 3.05
CA TYR B 106 -6.81 -32.76 3.85
C TYR B 106 -6.16 -31.75 2.92
N TYR B 107 -6.45 -30.47 3.15
CA TYR B 107 -5.96 -29.39 2.30
C TYR B 107 -5.14 -28.41 3.12
N CYS B 108 -3.95 -28.09 2.64
CA CYS B 108 -3.13 -27.04 3.24
C CYS B 108 -3.38 -25.74 2.47
N GLN B 109 -3.63 -24.67 3.22
CA GLN B 109 -3.98 -23.38 2.64
C GLN B 109 -3.18 -22.29 3.35
N HIS B 110 -2.43 -21.51 2.58
CA HIS B 110 -1.67 -20.43 3.19
C HIS B 110 -2.57 -19.24 3.46
N HIS B 111 -2.35 -18.59 4.60
CA HIS B 111 -3.01 -17.33 4.91
C HIS B 111 -1.95 -16.24 5.08
N TYR B 112 -0.98 -16.22 4.18
CA TYR B 112 0.02 -15.16 4.16
C TYR B 112 -0.58 -13.87 3.62
N GLY B 113 -1.29 -13.95 2.51
CA GLY B 113 -1.91 -12.78 1.92
C GLY B 113 -2.60 -13.18 0.63
N SER B 114 -3.58 -12.36 0.25
CA SER B 114 -4.37 -12.66 -0.92
C SER B 114 -3.49 -12.68 -2.16
N PRO B 115 -3.76 -13.57 -3.15
CA PRO B 115 -4.85 -14.55 -3.15
C PRO B 115 -4.47 -15.86 -2.46
N TYR B 116 -5.35 -16.33 -1.56
CA TYR B 116 -5.09 -17.53 -0.78
C TYR B 116 -5.29 -18.77 -1.65
N THR B 117 -4.24 -19.57 -1.79
CA THR B 117 -4.29 -20.78 -2.59
C THR B 117 -4.28 -22.00 -1.67
N PHE B 118 -4.83 -23.10 -2.18
CA PHE B 118 -4.91 -24.35 -1.46
C PHE B 118 -3.95 -25.37 -2.06
N GLY B 119 -3.84 -26.50 -1.39
CA GLY B 119 -3.05 -27.60 -1.90
C GLY B 119 -3.90 -28.57 -2.70
N GLY B 120 -3.22 -29.52 -3.35
CA GLY B 120 -3.93 -30.49 -4.16
C GLY B 120 -4.86 -31.37 -3.36
N GLY B 121 -4.46 -31.73 -2.15
CA GLY B 121 -5.25 -32.57 -1.29
C GLY B 121 -4.58 -33.92 -1.05
N THR B 122 -5.05 -34.60 -0.01
CA THR B 122 -4.55 -35.92 0.37
C THR B 122 -5.73 -36.77 0.81
N LYS B 123 -6.15 -37.69 -0.05
CA LYS B 123 -7.31 -38.54 0.25
C LYS B 123 -6.85 -39.67 1.16
N LEU B 124 -7.13 -39.54 2.46
CA LEU B 124 -6.78 -40.57 3.43
C LEU B 124 -7.89 -41.62 3.47
N GLU B 125 -7.53 -42.86 3.19
CA GLU B 125 -8.48 -43.96 3.10
C GLU B 125 -8.06 -45.10 4.02
N ILE B 126 -8.86 -46.15 4.05
CA ILE B 126 -8.62 -47.31 4.90
C ILE B 126 -8.26 -48.50 4.00
N LYS B 127 -7.23 -49.23 4.39
CA LYS B 127 -6.84 -50.44 3.66
C LYS B 127 -6.45 -51.56 4.63
N GLU C 20 -25.19 -20.05 17.71
CA GLU C 20 -24.41 -20.95 16.87
C GLU C 20 -24.34 -20.39 15.44
N ILE C 21 -23.11 -20.20 14.95
CA ILE C 21 -22.93 -19.63 13.62
C ILE C 21 -23.46 -20.59 12.57
N GLN C 22 -24.07 -20.05 11.53
CA GLN C 22 -24.73 -20.86 10.51
C GLN C 22 -24.82 -20.04 9.23
N LEU C 23 -24.18 -20.51 8.17
CA LEU C 23 -24.20 -19.86 6.87
C LEU C 23 -25.08 -20.72 5.96
N GLN C 24 -26.37 -20.41 5.92
CA GLN C 24 -27.32 -21.18 5.12
C GLN C 24 -27.19 -20.73 3.67
N GLN C 25 -26.71 -21.63 2.83
CA GLN C 25 -26.42 -21.30 1.44
C GLN C 25 -27.51 -21.88 0.53
N SER C 26 -27.82 -21.15 -0.53
CA SER C 26 -28.99 -21.46 -1.35
C SER C 26 -28.80 -22.80 -2.08
N GLY C 27 -29.88 -23.23 -2.75
CA GLY C 27 -29.89 -24.51 -3.42
C GLY C 27 -29.11 -24.53 -4.72
N ALA C 28 -29.03 -25.73 -5.30
CA ALA C 28 -28.27 -25.92 -6.52
C ALA C 28 -28.98 -25.28 -7.72
N GLU C 29 -28.19 -24.93 -8.73
CA GLU C 29 -28.70 -24.34 -9.96
C GLU C 29 -28.24 -25.14 -11.17
N LEU C 30 -29.13 -25.24 -12.15
CA LEU C 30 -28.84 -25.85 -13.45
C LEU C 30 -28.98 -24.75 -14.49
N VAL C 31 -27.84 -24.25 -14.98
CA VAL C 31 -27.79 -23.06 -15.82
C VAL C 31 -27.45 -23.47 -17.24
N LYS C 32 -28.01 -22.75 -18.21
CA LYS C 32 -27.62 -22.92 -19.61
C LYS C 32 -26.29 -22.23 -19.86
N PRO C 33 -25.43 -22.78 -20.71
CA PRO C 33 -24.14 -22.15 -20.97
C PRO C 33 -24.30 -20.75 -21.53
N GLY C 34 -23.49 -19.82 -21.02
CA GLY C 34 -23.54 -18.44 -21.42
C GLY C 34 -24.44 -17.56 -20.57
N ALA C 35 -25.31 -18.15 -19.75
CA ALA C 35 -26.19 -17.38 -18.89
C ALA C 35 -25.45 -16.98 -17.62
N SER C 36 -26.18 -16.48 -16.63
CA SER C 36 -25.59 -16.05 -15.37
C SER C 36 -26.33 -16.69 -14.21
N VAL C 37 -25.62 -16.89 -13.11
CA VAL C 37 -26.18 -17.50 -11.92
C VAL C 37 -25.90 -16.57 -10.74
N LYS C 38 -26.72 -16.69 -9.70
CA LYS C 38 -26.56 -15.87 -8.50
C LYS C 38 -26.79 -16.74 -7.27
N MET C 39 -25.70 -17.09 -6.58
CA MET C 39 -25.81 -17.82 -5.33
C MET C 39 -26.28 -16.89 -4.22
N SER C 40 -26.40 -17.45 -3.02
CA SER C 40 -26.78 -16.68 -1.84
C SER C 40 -26.28 -17.41 -0.60
N CYS C 41 -25.99 -16.63 0.44
CA CYS C 41 -25.48 -17.15 1.70
C CYS C 41 -26.04 -16.27 2.80
N LYS C 42 -27.06 -16.76 3.49
CA LYS C 42 -27.67 -16.03 4.59
C LYS C 42 -26.94 -16.39 5.88
N VAL C 43 -26.44 -15.38 6.55
CA VAL C 43 -25.64 -15.55 7.76
C VAL C 43 -26.54 -15.39 8.98
N SER C 44 -26.37 -16.29 9.95
CA SER C 44 -27.10 -16.16 11.20
C SER C 44 -26.23 -16.69 12.33
N GLY C 45 -26.03 -15.88 13.36
CA GLY C 45 -25.24 -16.31 14.50
C GLY C 45 -24.23 -15.28 14.95
N TYR C 46 -23.93 -14.30 14.10
CA TYR C 46 -22.99 -13.26 14.45
C TYR C 46 -23.35 -11.99 13.69
N SER C 47 -22.63 -10.91 13.99
CA SER C 47 -22.87 -9.63 13.33
C SER C 47 -22.34 -9.70 11.91
N PHE C 48 -23.26 -9.58 10.93
CA PHE C 48 -22.90 -9.82 9.54
C PHE C 48 -21.80 -8.89 9.06
N THR C 49 -21.72 -7.67 9.60
CA THR C 49 -20.73 -6.69 9.18
C THR C 49 -19.48 -6.69 10.05
N GLY C 50 -19.10 -7.84 10.58
CA GLY C 50 -17.95 -7.89 11.47
C GLY C 50 -16.84 -8.81 11.00
N TYR C 51 -17.05 -9.53 9.91
CA TYR C 51 -16.05 -10.47 9.40
C TYR C 51 -16.18 -10.54 7.89
N ASN C 52 -15.03 -10.60 7.22
CA ASN C 52 -15.01 -10.78 5.77
C ASN C 52 -15.74 -12.07 5.40
N MET C 53 -16.42 -12.06 4.26
CA MET C 53 -17.10 -13.23 3.74
C MET C 53 -16.36 -13.69 2.50
N ASN C 54 -15.78 -14.89 2.58
CA ASN C 54 -14.99 -15.47 1.51
C ASN C 54 -15.88 -16.37 0.66
N TRP C 55 -15.66 -16.33 -0.65
CA TRP C 55 -16.32 -17.23 -1.59
C TRP C 55 -15.27 -18.12 -2.22
N VAL C 56 -15.51 -19.43 -2.16
CA VAL C 56 -14.56 -20.47 -2.56
C VAL C 56 -15.24 -21.41 -3.54
N LYS C 57 -14.46 -21.92 -4.50
CA LYS C 57 -14.95 -22.83 -5.53
C LYS C 57 -14.21 -24.15 -5.46
N GLN C 58 -14.94 -25.25 -5.59
CA GLN C 58 -14.36 -26.58 -5.59
C GLN C 58 -14.94 -27.39 -6.74
N SER C 59 -14.07 -27.85 -7.64
CA SER C 59 -14.52 -28.73 -8.71
C SER C 59 -14.93 -30.08 -8.13
N HIS C 60 -15.40 -30.98 -8.99
CA HIS C 60 -15.88 -32.27 -8.53
C HIS C 60 -14.69 -33.14 -8.12
N GLY C 61 -14.46 -33.24 -6.81
CA GLY C 61 -13.40 -34.06 -6.29
C GLY C 61 -12.01 -33.47 -6.41
N LYS C 62 -11.89 -32.22 -6.82
CA LYS C 62 -10.60 -31.57 -6.98
C LYS C 62 -10.37 -30.62 -5.82
N SER C 63 -9.27 -29.87 -5.89
CA SER C 63 -8.90 -28.99 -4.79
C SER C 63 -9.83 -27.78 -4.72
N LEU C 64 -9.61 -26.98 -3.69
CA LEU C 64 -10.40 -25.78 -3.46
C LEU C 64 -9.76 -24.60 -4.17
N GLU C 65 -10.59 -23.62 -4.52
CA GLU C 65 -10.12 -22.41 -5.18
C GLU C 65 -10.81 -21.20 -4.57
N TRP C 66 -10.01 -20.23 -4.11
CA TRP C 66 -10.53 -19.06 -3.42
C TRP C 66 -10.97 -18.04 -4.46
N ILE C 67 -12.29 -17.90 -4.62
CA ILE C 67 -12.82 -16.94 -5.59
C ILE C 67 -12.55 -15.52 -5.14
N GLY C 68 -12.93 -15.18 -3.92
CA GLY C 68 -12.65 -13.83 -3.44
C GLY C 68 -13.23 -13.62 -2.05
N ASN C 69 -13.31 -12.35 -1.66
CA ASN C 69 -14.00 -12.02 -0.43
C ASN C 69 -14.63 -10.64 -0.55
N ILE C 70 -15.61 -10.40 0.32
CA ILE C 70 -16.26 -9.11 0.44
C ILE C 70 -16.26 -8.71 1.91
N ASN C 71 -15.89 -7.46 2.18
CA ASN C 71 -15.95 -6.93 3.53
C ASN C 71 -17.33 -6.33 3.76
N PRO C 72 -18.15 -6.90 4.65
CA PRO C 72 -19.52 -6.39 4.79
C PRO C 72 -19.63 -5.03 5.43
N TYR C 73 -18.60 -4.55 6.13
CA TYR C 73 -18.69 -3.23 6.76
C TYR C 73 -18.68 -2.13 5.71
N TYR C 74 -17.59 -2.01 4.97
CA TYR C 74 -17.55 -1.21 3.75
C TYR C 74 -17.39 -2.15 2.56
N VAL C 75 -18.25 -1.99 1.57
CA VAL C 75 -18.64 -3.05 0.64
C VAL C 75 -17.50 -3.38 -0.31
N SER C 76 -16.34 -2.74 -0.13
CA SER C 76 -15.16 -3.05 -0.92
C SER C 76 -14.90 -4.55 -0.97
N THR C 77 -14.62 -5.05 -2.16
CA THR C 77 -14.37 -6.46 -2.40
C THR C 77 -12.89 -6.70 -2.67
N ASN C 78 -12.53 -7.97 -2.82
CA ASN C 78 -11.14 -8.36 -3.07
C ASN C 78 -11.19 -9.69 -3.83
N TYR C 79 -10.92 -9.65 -5.12
CA TYR C 79 -11.10 -10.79 -6.00
C TYR C 79 -9.77 -11.51 -6.27
N ASN C 80 -9.88 -12.78 -6.59
CA ASN C 80 -8.77 -13.53 -7.18
C ASN C 80 -8.68 -13.15 -8.64
N GLN C 81 -7.45 -12.88 -9.11
CA GLN C 81 -7.30 -12.38 -10.48
C GLN C 81 -7.74 -13.41 -11.51
N LYS C 82 -7.69 -14.71 -11.17
CA LYS C 82 -8.19 -15.73 -12.07
C LYS C 82 -9.71 -15.70 -12.19
N PHE C 83 -10.38 -15.04 -11.25
CA PHE C 83 -11.85 -15.00 -11.24
C PHE C 83 -12.39 -13.59 -11.40
N THR C 84 -11.55 -12.62 -11.71
CA THR C 84 -12.03 -11.25 -11.90
C THR C 84 -12.85 -11.16 -13.18
N GLY C 85 -13.90 -10.34 -13.15
CA GLY C 85 -14.83 -10.25 -14.24
C GLY C 85 -15.79 -11.42 -14.37
N LYS C 86 -15.49 -12.55 -13.74
CA LYS C 86 -16.36 -13.71 -13.74
C LYS C 86 -17.36 -13.68 -12.59
N ALA C 87 -16.91 -13.32 -11.40
CA ALA C 87 -17.75 -13.30 -10.20
C ALA C 87 -17.84 -11.89 -9.65
N THR C 88 -19.02 -11.53 -9.18
CA THR C 88 -19.27 -10.24 -8.55
C THR C 88 -19.96 -10.47 -7.21
N PHE C 89 -19.48 -9.81 -6.17
CA PHE C 89 -20.00 -9.99 -4.83
C PHE C 89 -20.88 -8.81 -4.43
N THR C 90 -21.99 -9.12 -3.76
CA THR C 90 -22.87 -8.10 -3.21
C THR C 90 -23.27 -8.53 -1.80
N VAL C 91 -23.74 -7.56 -1.01
CA VAL C 91 -24.20 -7.83 0.35
C VAL C 91 -25.55 -7.18 0.57
N ASP C 92 -26.23 -7.63 1.63
CA ASP C 92 -27.52 -7.10 2.03
C ASP C 92 -27.55 -7.13 3.56
N ARG C 93 -27.29 -5.98 4.17
CA ARG C 93 -27.23 -5.91 5.63
C ARG C 93 -28.62 -5.98 6.26
N SER C 94 -29.65 -5.57 5.53
CA SER C 94 -31.01 -5.65 6.06
C SER C 94 -31.41 -7.09 6.29
N SER C 95 -31.01 -7.99 5.41
CA SER C 95 -31.27 -9.41 5.56
C SER C 95 -30.03 -10.22 5.92
N SER C 96 -28.88 -9.56 6.06
CA SER C 96 -27.60 -10.20 6.38
C SER C 96 -27.34 -11.38 5.44
N THR C 97 -27.24 -11.07 4.15
CA THR C 97 -27.10 -12.09 3.12
C THR C 97 -26.05 -11.64 2.12
N ALA C 98 -25.13 -12.55 1.77
CA ALA C 98 -24.08 -12.27 0.80
C ALA C 98 -24.36 -13.04 -0.48
N TYR C 99 -24.29 -12.35 -1.62
CA TYR C 99 -24.55 -12.95 -2.91
C TYR C 99 -23.29 -12.93 -3.77
N MET C 100 -23.12 -13.97 -4.59
CA MET C 100 -22.11 -13.99 -5.62
C MET C 100 -22.78 -14.32 -6.95
N GLN C 101 -22.59 -13.46 -7.94
CA GLN C 101 -23.11 -13.67 -9.27
C GLN C 101 -21.98 -14.07 -10.21
N LEU C 102 -22.16 -15.19 -10.90
CA LEU C 102 -21.24 -15.63 -11.93
C LEU C 102 -21.83 -15.35 -13.30
N ASP C 103 -20.99 -14.85 -14.20
CA ASP C 103 -21.40 -14.38 -15.51
C ASP C 103 -20.80 -15.25 -16.60
N SER C 104 -21.60 -15.56 -17.64
CA SER C 104 -21.15 -16.30 -18.82
C SER C 104 -20.53 -17.63 -18.42
N LEU C 105 -21.37 -18.49 -17.85
CA LEU C 105 -20.91 -19.77 -17.31
C LEU C 105 -20.51 -20.70 -18.43
N THR C 106 -19.21 -21.01 -18.52
CA THR C 106 -18.71 -22.03 -19.41
C THR C 106 -18.96 -23.41 -18.80
N SER C 107 -18.79 -24.45 -19.61
CA SER C 107 -18.99 -25.81 -19.12
C SER C 107 -18.04 -26.17 -17.99
N GLU C 108 -16.96 -25.42 -17.81
CA GLU C 108 -15.99 -25.69 -16.75
C GLU C 108 -16.37 -25.05 -15.42
N ASP C 109 -17.44 -24.26 -15.37
CA ASP C 109 -17.88 -23.60 -14.16
C ASP C 109 -18.83 -24.45 -13.34
N SER C 110 -19.07 -25.70 -13.72
CA SER C 110 -19.93 -26.60 -12.95
C SER C 110 -19.12 -27.12 -11.77
N ALA C 111 -19.46 -26.68 -10.57
CA ALA C 111 -18.67 -26.98 -9.38
C ALA C 111 -19.56 -26.82 -8.16
N VAL C 112 -18.94 -26.79 -6.98
CA VAL C 112 -19.62 -26.51 -5.72
C VAL C 112 -19.00 -25.26 -5.13
N TYR C 113 -19.83 -24.28 -4.80
CA TYR C 113 -19.38 -22.98 -4.32
C TYR C 113 -19.76 -22.83 -2.86
N TYR C 114 -18.76 -22.56 -2.03
CA TYR C 114 -18.93 -22.38 -0.60
C TYR C 114 -18.78 -20.92 -0.21
N CYS C 115 -19.53 -20.52 0.81
CA CYS C 115 -19.31 -19.27 1.52
C CYS C 115 -18.70 -19.60 2.87
N ALA C 116 -17.60 -18.93 3.21
CA ALA C 116 -16.83 -19.24 4.41
C ALA C 116 -16.45 -17.94 5.10
N ARG C 117 -16.67 -17.87 6.40
CA ARG C 117 -16.33 -16.68 7.16
C ARG C 117 -14.90 -16.77 7.65
N SER C 118 -14.20 -15.63 7.61
CA SER C 118 -12.84 -15.59 8.11
C SER C 118 -12.82 -15.73 9.63
N TYR C 119 -11.72 -16.26 10.14
CA TYR C 119 -11.57 -16.49 11.58
C TYR C 119 -11.06 -15.23 12.29
N GLY C 120 -11.75 -14.11 12.07
CA GLY C 120 -11.37 -12.87 12.70
C GLY C 120 -9.95 -12.44 12.39
N SER C 121 -9.06 -12.57 13.37
CA SER C 121 -7.67 -12.14 13.22
C SER C 121 -7.04 -12.75 11.97
N SER C 122 -6.97 -14.07 11.91
CA SER C 122 -6.48 -14.72 10.71
C SER C 122 -7.53 -14.64 9.62
N HIS C 123 -7.09 -14.91 8.39
CA HIS C 123 -8.00 -15.05 7.26
C HIS C 123 -8.13 -16.52 6.85
N THR C 124 -8.11 -17.40 7.84
CA THR C 124 -8.46 -18.80 7.66
C THR C 124 -9.97 -18.92 7.79
N PHE C 125 -10.55 -19.83 7.01
CA PHE C 125 -12.00 -19.90 6.84
C PHE C 125 -12.58 -20.79 7.93
N ALA C 126 -13.09 -20.16 8.98
CA ALA C 126 -13.51 -20.89 10.17
C ALA C 126 -14.83 -21.61 9.96
N TYR C 127 -15.88 -20.89 9.57
CA TYR C 127 -17.22 -21.44 9.45
C TYR C 127 -17.62 -21.44 7.98
N TRP C 128 -17.87 -22.63 7.45
CA TRP C 128 -18.22 -22.80 6.04
C TRP C 128 -19.72 -23.04 5.89
N GLY C 129 -20.22 -22.73 4.70
CA GLY C 129 -21.59 -23.07 4.35
C GLY C 129 -21.72 -24.55 4.07
N GLN C 130 -22.76 -24.95 3.34
CA GLN C 130 -22.90 -26.34 2.92
C GLN C 130 -22.59 -26.56 1.45
N GLY C 131 -22.46 -25.49 0.67
CA GLY C 131 -22.11 -25.62 -0.72
C GLY C 131 -23.30 -25.56 -1.65
N THR C 132 -23.18 -24.80 -2.73
CA THR C 132 -24.20 -24.72 -3.76
C THR C 132 -23.64 -25.31 -5.04
N LEU C 133 -24.34 -26.29 -5.62
CA LEU C 133 -23.88 -26.99 -6.80
C LEU C 133 -24.38 -26.27 -8.05
N VAL C 134 -23.45 -25.78 -8.86
CA VAL C 134 -23.76 -25.15 -10.14
C VAL C 134 -23.43 -26.13 -11.25
N THR C 135 -24.44 -26.49 -12.04
CA THR C 135 -24.28 -27.43 -13.14
C THR C 135 -24.71 -26.76 -14.43
N VAL C 136 -23.81 -26.73 -15.41
CA VAL C 136 -24.06 -26.06 -16.68
C VAL C 136 -24.12 -27.12 -17.77
N SER C 137 -25.28 -27.25 -18.40
CA SER C 137 -25.50 -28.22 -19.47
C SER C 137 -26.68 -27.74 -20.31
N SER C 138 -27.17 -28.62 -21.18
CA SER C 138 -28.30 -28.30 -22.04
C SER C 138 -29.46 -29.25 -21.82
#